data_5RLW
#
_entry.id   5RLW
#
_cell.length_a   59.115
_cell.length_b   70.113
_cell.length_c   85.100
_cell.angle_alpha   102.690
_cell.angle_beta   95.960
_cell.angle_gamma   112.440
#
_symmetry.space_group_name_H-M   'P 1'
#
loop_
_entity.id
_entity.type
_entity.pdbx_description
1 polymer Helicase
2 non-polymer ~{N}-[2-(4-fluorophenyl)ethyl]methanesulfonamide
3 non-polymer 'ZINC ION'
4 non-polymer 'PHOSPHATE ION'
5 water water
#
_entity_poly.entity_id   1
_entity_poly.type   'polypeptide(L)'
_entity_poly.pdbx_seq_one_letter_code
;AVGACVLCNSQTSLRCGACIRRPFLCCKCCYDHVISTSHKLVLSVNPYVCNAPGCDVTDVTQLYLGGMSYYCKSHKPPIS
FPLCANGQVFGLYKNTCVGSDNVTDFNAIATCDWTNAGDYILANTCTERLKLFAAETLKATEETFKLSYGIATVREVLSD
RELHLSWEVGKPRPPLNRNYVFTGYRVTKNSKVQIGEYTFEKGDYGDAVVYRGTTTYKLNVGDYFVLTSHTVMPLSAPTL
VPQEHYVRITGLYPTLNISDEFSSNVANYQKVGMQKYSTLQGPPGTGKSHFAIGLALYYPSARIVYTACSHAAVDALCEK
ALKYLPIDKCSRIIPARARVECFDKFKVNSTLEQYVFCTVNALPETTADIVVFDEISMATNYDLSVVNARLRAKHYVYIG
DPAQLPAPRTLLTKGTLEPEYFNSVCRLMKTIGPDMFLGTCRRCPAEIVDTVSALVYDNKLKAHKDKSAQCFKMFYKGVI
THDVSSAINRPQIGVVREFLTRNPAWRKAVFISPYNSQNAVASKILGLPTQTVDSSQGSEYDYVIFTQTTETAHSCNVNR
FNVAITRAKVGILCIMSDRDLYDKLQFTSLEIPRRNVATLQ
;
_entity_poly.pdbx_strand_id   A,B
#
loop_
_chem_comp.id
_chem_comp.type
_chem_comp.name
_chem_comp.formula
PO4 non-polymer 'PHOSPHATE ION' 'O4 P -3'
S9S non-polymer ~{N}-[2-(4-fluorophenyl)ethyl]methanesulfonamide 'C9 H12 F N O2 S'
ZN non-polymer 'ZINC ION' 'Zn 2'
#
# COMPACT_ATOMS: atom_id res chain seq x y z
N ALA A 1 19.45 9.84 15.91
CA ALA A 1 19.83 11.24 16.15
C ALA A 1 20.96 11.76 15.23
N VAL A 2 21.37 10.97 14.22
CA VAL A 2 22.40 11.44 13.29
C VAL A 2 21.83 11.52 11.89
N GLY A 3 21.89 12.72 11.35
CA GLY A 3 21.40 12.98 10.01
C GLY A 3 22.04 14.18 9.34
N ALA A 4 21.50 14.54 8.18
CA ALA A 4 22.01 15.63 7.39
C ALA A 4 21.18 16.91 7.51
N CYS A 5 21.87 18.07 7.54
CA CYS A 5 21.31 19.41 7.66
C CYS A 5 20.31 19.64 6.55
N VAL A 6 19.10 20.13 6.88
CA VAL A 6 18.10 20.38 5.85
C VAL A 6 18.51 21.55 4.94
N LEU A 7 19.37 22.47 5.40
CA LEU A 7 19.81 23.57 4.56
C LEU A 7 21.06 23.28 3.72
N CYS A 8 22.19 22.85 4.35
CA CYS A 8 23.44 22.65 3.63
C CYS A 8 23.97 21.21 3.63
N ASN A 9 23.18 20.20 4.07
CA ASN A 9 23.51 18.77 4.04
C ASN A 9 24.62 18.35 4.99
N SER A 10 25.38 19.33 5.59
CA SER A 10 26.46 19.06 6.55
C SER A 10 25.95 18.16 7.66
N GLN A 11 26.64 17.04 7.88
CA GLN A 11 26.22 16.07 8.89
C GLN A 11 26.15 16.70 10.29
N THR A 12 25.14 16.29 11.08
CA THR A 12 24.96 16.81 12.43
C THR A 12 24.15 15.85 13.32
N SER A 13 24.27 16.09 14.64
CA SER A 13 23.56 15.49 15.75
C SER A 13 22.37 16.42 16.18
N LEU A 14 22.37 17.71 15.74
CA LEU A 14 21.32 18.68 16.11
C LEU A 14 20.07 18.65 15.21
N ARG A 15 18.88 18.62 15.82
CA ARG A 15 17.53 18.75 15.23
C ARG A 15 16.82 19.89 15.97
N CYS A 16 15.98 20.70 15.27
CA CYS A 16 15.25 21.74 15.99
C CYS A 16 14.01 21.16 16.67
N GLY A 17 14.04 21.14 17.98
CA GLY A 17 12.93 20.65 18.79
C GLY A 17 11.74 21.58 18.72
N ALA A 18 11.95 22.87 18.35
CA ALA A 18 10.80 23.79 18.25
C ALA A 18 10.07 23.72 16.90
N CYS A 19 10.72 23.20 15.84
CA CYS A 19 10.07 22.99 14.52
C CYS A 19 9.09 21.81 14.62
N ILE A 20 7.92 21.88 13.94
CA ILE A 20 6.92 20.79 13.99
C ILE A 20 7.47 19.46 13.44
N ARG A 21 8.41 19.50 12.48
CA ARG A 21 8.94 18.28 11.90
C ARG A 21 10.28 17.78 12.50
N ARG A 22 11.04 18.67 13.20
CA ARG A 22 12.34 18.43 13.84
C ARG A 22 13.47 18.18 12.85
N PRO A 23 13.74 19.16 11.98
CA PRO A 23 14.80 19.00 10.98
C PRO A 23 16.21 19.08 11.57
N PHE A 24 17.12 18.27 11.02
CA PHE A 24 18.52 18.33 11.39
C PHE A 24 19.10 19.64 10.86
N LEU A 25 19.84 20.36 11.70
CA LEU A 25 20.49 21.62 11.34
C LEU A 25 21.92 21.53 11.76
N CYS A 26 22.82 21.84 10.82
CA CYS A 26 24.23 21.83 11.14
C CYS A 26 24.57 22.98 12.09
N CYS A 27 25.71 22.90 12.79
CA CYS A 27 26.18 23.90 13.75
C CYS A 27 26.01 25.35 13.25
N LYS A 28 26.49 25.66 12.01
CA LYS A 28 26.43 27.00 11.41
C LYS A 28 25.03 27.43 10.95
N CYS A 29 24.07 26.50 10.87
CA CYS A 29 22.70 26.78 10.44
C CYS A 29 21.72 26.80 11.63
N CYS A 30 21.93 25.90 12.58
CA CYS A 30 21.17 25.81 13.82
C CYS A 30 21.29 27.13 14.59
N TYR A 31 22.49 27.71 14.63
CA TYR A 31 22.77 28.97 15.28
C TYR A 31 21.97 30.09 14.64
N ASP A 32 22.05 30.21 13.31
CA ASP A 32 21.35 31.26 12.60
C ASP A 32 19.82 31.12 12.70
N HIS A 33 19.32 29.92 13.05
CA HIS A 33 17.90 29.66 13.31
C HIS A 33 17.51 30.07 14.76
N VAL A 34 18.23 29.56 15.78
CA VAL A 34 17.89 29.85 17.17
C VAL A 34 18.01 31.32 17.50
N ILE A 35 18.98 32.01 16.90
CA ILE A 35 19.28 33.41 17.17
C ILE A 35 18.34 34.41 16.45
N SER A 36 17.59 33.95 15.44
CA SER A 36 16.68 34.83 14.74
C SER A 36 15.20 34.50 14.93
N THR A 37 14.87 33.34 15.53
CA THR A 37 13.47 32.96 15.74
C THR A 37 13.15 32.75 17.24
N SER A 38 11.86 32.49 17.58
CA SER A 38 11.48 32.10 18.93
C SER A 38 11.93 30.62 19.22
N HIS A 39 12.49 29.91 18.23
CA HIS A 39 12.90 28.52 18.38
C HIS A 39 14.20 28.41 19.13
N LYS A 40 14.17 27.92 20.39
CA LYS A 40 15.42 27.81 21.17
C LYS A 40 15.72 26.41 21.66
N LEU A 41 14.81 25.44 21.45
CA LEU A 41 15.08 24.08 21.91
C LEU A 41 15.84 23.33 20.83
N VAL A 42 17.09 22.95 21.15
CA VAL A 42 17.96 22.19 20.25
C VAL A 42 18.05 20.74 20.79
N LEU A 43 17.84 19.73 19.93
CA LEU A 43 17.90 18.32 20.36
C LEU A 43 19.08 17.63 19.69
N SER A 44 19.77 16.76 20.41
CA SER A 44 20.86 15.96 19.83
C SER A 44 20.49 14.49 20.17
N VAL A 45 21.33 13.70 20.86
CA VAL A 45 20.95 12.36 21.35
C VAL A 45 19.91 12.57 22.51
N ASN A 46 20.24 13.54 23.37
CA ASN A 46 19.56 14.08 24.54
C ASN A 46 19.34 15.57 24.24
N PRO A 47 18.27 16.18 24.78
CA PRO A 47 18.02 17.60 24.52
C PRO A 47 19.05 18.52 25.17
N TYR A 48 19.22 19.71 24.59
CA TYR A 48 20.08 20.72 25.15
C TYR A 48 19.21 21.42 26.16
N VAL A 49 19.31 20.94 27.40
CA VAL A 49 18.52 21.37 28.53
C VAL A 49 19.40 21.34 29.82
N CYS A 50 19.09 22.21 30.80
CA CYS A 50 19.89 22.21 32.02
C CYS A 50 19.72 20.93 32.81
N ASN A 51 20.85 20.25 32.99
CA ASN A 51 20.99 19.00 33.71
C ASN A 51 20.85 19.14 35.23
N ALA A 52 20.89 20.38 35.76
CA ALA A 52 20.73 20.61 37.17
C ALA A 52 19.32 20.21 37.62
N PRO A 53 19.22 19.46 38.73
CA PRO A 53 17.90 19.01 39.20
C PRO A 53 16.85 20.10 39.34
N GLY A 54 15.66 19.86 38.77
CA GLY A 54 14.53 20.79 38.84
C GLY A 54 14.67 22.10 38.10
N CYS A 55 15.72 22.23 37.27
CA CYS A 55 15.92 23.47 36.51
C CYS A 55 15.20 23.39 35.18
N ASP A 56 14.50 24.48 34.82
CA ASP A 56 13.70 24.50 33.58
C ASP A 56 14.32 25.26 32.40
N VAL A 57 15.66 25.52 32.40
CA VAL A 57 16.29 26.22 31.28
C VAL A 57 16.46 25.29 30.05
N THR A 58 15.70 25.58 28.95
CA THR A 58 15.71 24.83 27.66
C THR A 58 16.28 25.64 26.50
N ASP A 59 16.37 26.98 26.65
CA ASP A 59 16.88 27.91 25.66
C ASP A 59 18.36 27.68 25.48
N VAL A 60 18.76 27.26 24.28
CA VAL A 60 20.14 26.95 23.93
C VAL A 60 21.09 28.17 24.07
N THR A 61 20.55 29.40 23.97
CA THR A 61 21.36 30.63 24.12
C THR A 61 21.74 30.89 25.60
N GLN A 62 20.98 30.31 26.55
CA GLN A 62 21.22 30.39 27.99
C GLN A 62 21.94 29.13 28.51
N LEU A 63 22.48 28.25 27.63
CA LEU A 63 23.11 27.01 28.07
C LEU A 63 24.59 26.86 27.66
N TYR A 64 25.31 26.06 28.45
CA TYR A 64 26.75 25.81 28.39
C TYR A 64 27.07 24.33 28.52
N LEU A 65 28.22 23.92 27.98
CA LEU A 65 28.74 22.57 28.10
C LEU A 65 29.65 22.53 29.33
N GLY A 66 29.13 21.95 30.40
CA GLY A 66 29.88 21.81 31.64
C GLY A 66 30.48 20.43 31.74
N GLY A 67 31.67 20.29 31.18
CA GLY A 67 32.32 19.00 31.13
C GLY A 67 31.69 18.13 30.06
N MET A 68 30.87 17.17 30.48
CA MET A 68 30.16 16.31 29.54
C MET A 68 28.62 16.55 29.55
N SER A 69 28.12 17.37 30.49
CA SER A 69 26.71 17.69 30.63
C SER A 69 26.35 19.15 30.22
N TYR A 70 25.06 19.52 30.27
CA TYR A 70 24.63 20.85 29.85
C TYR A 70 23.99 21.57 31.02
N TYR A 71 24.37 22.83 31.23
CA TYR A 71 23.84 23.65 32.35
C TYR A 71 23.56 25.08 31.90
N CYS A 72 22.74 25.81 32.68
CA CYS A 72 22.48 27.23 32.38
C CYS A 72 23.56 28.14 33.07
N LYS A 73 23.41 29.48 33.01
CA LYS A 73 24.33 30.42 33.66
C LYS A 73 24.38 30.16 35.17
N SER A 74 23.20 29.88 35.80
CA SER A 74 23.02 29.63 37.23
C SER A 74 23.61 28.31 37.75
N HIS A 75 23.85 27.32 36.87
CA HIS A 75 24.28 26.01 37.31
C HIS A 75 25.57 25.51 36.71
N LYS A 76 26.11 26.21 35.72
CA LYS A 76 27.32 25.76 35.03
C LYS A 76 28.55 25.69 35.94
N PRO A 77 29.49 24.75 35.70
CA PRO A 77 30.74 24.74 36.47
C PRO A 77 31.70 25.85 35.99
N PRO A 78 32.80 26.16 36.72
CA PRO A 78 33.71 27.24 36.26
C PRO A 78 34.20 27.05 34.83
N ILE A 79 34.62 25.82 34.49
CA ILE A 79 35.12 25.53 33.16
C ILE A 79 33.97 24.99 32.28
N SER A 80 33.31 25.93 31.57
CA SER A 80 32.16 25.68 30.68
C SER A 80 32.06 26.65 29.47
N PHE A 81 31.96 26.06 28.29
CA PHE A 81 31.86 26.74 27.00
C PHE A 81 30.38 27.00 26.65
N PRO A 82 29.98 28.20 26.14
CA PRO A 82 28.57 28.37 25.72
C PRO A 82 28.22 27.46 24.53
N LEU A 83 27.03 26.86 24.57
CA LEU A 83 26.57 26.03 23.45
C LEU A 83 26.40 26.95 22.22
N CYS A 84 26.02 28.24 22.45
CA CYS A 84 25.79 29.27 21.44
C CYS A 84 26.83 30.35 21.40
N ALA A 85 27.80 30.25 20.49
CA ALA A 85 28.79 31.30 20.31
C ALA A 85 29.54 31.17 18.98
N ASN A 86 30.08 32.29 18.48
CA ASN A 86 30.88 32.34 17.27
C ASN A 86 30.20 31.77 16.01
N GLY A 87 28.93 32.09 15.85
CA GLY A 87 28.15 31.69 14.68
C GLY A 87 27.76 30.22 14.61
N GLN A 88 27.95 29.47 15.70
CA GLN A 88 27.64 28.05 15.71
C GLN A 88 27.05 27.56 17.03
N VAL A 89 26.30 26.45 16.96
CA VAL A 89 25.74 25.74 18.12
C VAL A 89 26.60 24.49 18.25
N PHE A 90 27.18 24.26 19.45
CA PHE A 90 28.03 23.11 19.71
C PHE A 90 27.35 21.80 19.35
N GLY A 91 27.98 21.07 18.47
CA GLY A 91 27.51 19.77 18.01
C GLY A 91 28.60 18.98 17.32
N LEU A 92 28.26 17.77 16.87
CA LEU A 92 29.22 16.93 16.18
C LEU A 92 29.41 17.45 14.76
N TYR A 93 30.61 17.28 14.23
CA TYR A 93 31.00 17.59 12.85
C TYR A 93 30.95 19.10 12.53
N LYS A 94 31.46 19.92 13.47
CA LYS A 94 31.53 21.38 13.37
C LYS A 94 32.39 21.89 12.22
N VAL A 103 19.11 30.97 4.97
CA VAL A 103 18.52 30.54 6.24
C VAL A 103 17.47 31.55 6.76
N THR A 104 17.48 32.81 6.26
CA THR A 104 16.40 33.79 6.50
C THR A 104 15.03 33.17 6.01
N ASP A 105 15.10 32.40 4.91
CA ASP A 105 13.97 31.70 4.31
C ASP A 105 13.56 30.46 5.15
N PHE A 106 14.53 29.69 5.62
CA PHE A 106 14.25 28.53 6.47
C PHE A 106 13.50 28.98 7.75
N ASN A 107 13.89 30.14 8.29
CA ASN A 107 13.28 30.70 9.49
C ASN A 107 11.82 31.07 9.26
N ALA A 108 11.52 31.69 8.13
CA ALA A 108 10.15 32.07 7.83
C ALA A 108 9.24 30.84 7.60
N ILE A 109 9.78 29.77 6.98
CA ILE A 109 9.01 28.54 6.75
C ILE A 109 8.77 27.79 8.08
N ALA A 110 9.80 27.74 8.92
CA ALA A 110 9.79 27.06 10.22
C ALA A 110 8.78 27.63 11.20
N THR A 111 8.55 28.98 11.15
CA THR A 111 7.70 29.70 12.09
C THR A 111 6.34 30.25 11.56
N CYS A 112 6.11 30.23 10.24
CA CYS A 112 4.86 30.75 9.71
C CYS A 112 3.62 29.86 10.06
N ASP A 113 2.42 30.45 9.99
CA ASP A 113 1.19 29.72 10.29
C ASP A 113 0.43 29.24 9.01
N TRP A 114 1.00 29.49 7.80
CA TRP A 114 0.47 29.11 6.49
C TRP A 114 -0.90 29.75 6.15
N THR A 115 -1.25 30.86 6.81
CA THR A 115 -2.49 31.57 6.53
C THR A 115 -2.28 32.70 5.50
N ASN A 116 -1.03 33.09 5.22
CA ASN A 116 -0.68 34.16 4.29
C ASN A 116 -0.22 33.59 2.95
N ALA A 117 -0.55 34.25 1.85
CA ALA A 117 -0.11 33.83 0.52
C ALA A 117 1.42 33.93 0.36
N GLY A 118 2.04 34.86 1.10
CA GLY A 118 3.49 35.06 1.13
C GLY A 118 4.25 33.86 1.66
N ASP A 119 3.58 33.03 2.49
CA ASP A 119 4.12 31.78 3.04
C ASP A 119 4.32 30.74 1.94
N TYR A 120 3.33 30.68 1.03
CA TYR A 120 3.31 29.81 -0.13
C TYR A 120 4.26 30.32 -1.20
N ILE A 121 4.44 31.65 -1.32
CA ILE A 121 5.38 32.21 -2.28
C ILE A 121 6.79 31.79 -1.94
N LEU A 122 7.15 31.89 -0.67
CA LEU A 122 8.45 31.49 -0.16
C LEU A 122 8.66 29.99 -0.32
N ALA A 123 7.64 29.15 0.01
CA ALA A 123 7.71 27.68 -0.14
C ALA A 123 8.00 27.22 -1.60
N ASN A 124 7.84 28.13 -2.55
CA ASN A 124 8.05 27.85 -3.96
C ASN A 124 9.22 28.61 -4.56
N THR A 125 9.75 29.63 -3.87
CA THR A 125 10.91 30.37 -4.35
C THR A 125 12.21 29.98 -3.63
N CYS A 126 12.11 29.21 -2.54
CA CYS A 126 13.26 28.76 -1.77
C CYS A 126 14.07 27.64 -2.49
N THR A 127 15.20 27.21 -1.91
CA THR A 127 15.99 26.11 -2.48
C THR A 127 15.15 24.81 -2.48
N GLU A 128 15.56 23.84 -3.28
CA GLU A 128 14.86 22.58 -3.39
C GLU A 128 14.63 21.86 -2.06
N ARG A 129 15.69 21.82 -1.23
CA ARG A 129 15.68 21.23 0.09
C ARG A 129 14.60 21.87 0.97
N LEU A 130 14.50 23.23 0.90
CA LEU A 130 13.51 24.01 1.65
C LEU A 130 12.11 23.91 1.08
N LYS A 131 11.97 23.52 -0.21
CA LYS A 131 10.66 23.29 -0.79
C LYS A 131 10.07 22.03 -0.14
N LEU A 132 10.92 21.00 0.18
CA LEU A 132 10.46 19.76 0.84
C LEU A 132 10.15 20.01 2.31
N PHE A 133 11.01 20.80 3.01
CA PHE A 133 10.82 21.20 4.41
C PHE A 133 9.49 21.99 4.49
N ALA A 134 9.31 22.95 3.57
CA ALA A 134 8.07 23.71 3.46
C ALA A 134 6.84 22.79 3.22
N ALA A 135 6.90 21.87 2.26
CA ALA A 135 5.79 20.98 1.92
C ALA A 135 5.37 20.03 3.06
N GLU A 136 6.33 19.53 3.82
CA GLU A 136 6.08 18.60 4.91
C GLU A 136 5.44 19.36 6.10
N THR A 137 6.03 20.55 6.42
CA THR A 137 5.62 21.43 7.52
C THR A 137 4.19 21.88 7.31
N LEU A 138 3.87 22.32 6.07
CA LEU A 138 2.55 22.79 5.68
C LEU A 138 1.54 21.69 5.87
N LYS A 139 1.83 20.49 5.35
CA LYS A 139 0.89 19.39 5.43
C LYS A 139 0.63 18.94 6.87
N ALA A 140 1.67 18.95 7.70
CA ALA A 140 1.50 18.61 9.13
C ALA A 140 0.65 19.69 9.81
N THR A 141 0.87 20.96 9.46
CA THR A 141 0.07 22.05 10.01
C THR A 141 -1.41 21.92 9.62
N GLU A 142 -1.68 21.61 8.34
CA GLU A 142 -3.05 21.39 7.85
C GLU A 142 -3.77 20.24 8.61
N GLU A 143 -3.08 19.08 8.83
CA GLU A 143 -3.65 17.91 9.53
C GLU A 143 -3.96 18.21 11.02
N THR A 144 -3.05 18.89 11.75
CA THR A 144 -3.25 19.30 13.14
C THR A 144 -4.42 20.31 13.28
N PHE A 145 -4.64 21.11 12.24
CA PHE A 145 -5.73 22.06 12.22
C PHE A 145 -7.10 21.34 12.14
N LYS A 146 -7.15 20.13 11.54
CA LYS A 146 -8.40 19.36 11.48
C LYS A 146 -8.92 19.03 12.88
N LEU A 147 -8.00 18.79 13.84
CA LEU A 147 -8.31 18.48 15.24
C LEU A 147 -9.05 19.64 15.96
N SER A 148 -8.92 20.87 15.43
CA SER A 148 -9.55 22.07 15.99
C SER A 148 -11.09 22.03 15.86
N TYR A 149 -11.59 21.37 14.83
CA TYR A 149 -13.02 21.29 14.59
C TYR A 149 -13.79 20.39 15.57
N GLY A 150 -15.03 20.76 15.83
CA GLY A 150 -15.91 20.04 16.74
C GLY A 150 -16.57 18.84 16.11
N ILE A 151 -16.83 17.81 16.93
CA ILE A 151 -17.45 16.53 16.55
C ILE A 151 -18.94 16.74 16.21
N ALA A 152 -19.42 16.09 15.13
CA ALA A 152 -20.82 16.16 14.72
C ALA A 152 -21.51 14.84 15.07
N THR A 153 -22.57 14.87 15.88
CA THR A 153 -23.28 13.67 16.30
C THR A 153 -24.69 13.65 15.66
N VAL A 154 -25.21 12.47 15.26
CA VAL A 154 -26.54 12.40 14.67
C VAL A 154 -27.66 12.58 15.71
N ARG A 155 -28.50 13.59 15.53
CA ARG A 155 -29.63 13.81 16.41
C ARG A 155 -30.84 13.03 15.86
N GLU A 156 -31.13 13.16 14.55
CA GLU A 156 -32.22 12.44 13.87
C GLU A 156 -31.94 12.14 12.36
N VAL A 157 -32.46 11.01 11.86
CA VAL A 157 -32.33 10.58 10.47
C VAL A 157 -33.68 10.72 9.77
N LEU A 158 -33.75 11.63 8.80
CA LEU A 158 -35.00 11.90 8.07
C LEU A 158 -35.22 10.87 6.94
N SER A 159 -34.26 10.78 6.01
CA SER A 159 -34.34 9.86 4.89
C SER A 159 -32.96 9.20 4.62
N ASP A 160 -32.81 8.52 3.46
CA ASP A 160 -31.58 7.87 2.99
C ASP A 160 -30.49 8.88 2.52
N ARG A 161 -30.84 10.16 2.41
CA ARG A 161 -29.93 11.22 1.99
C ARG A 161 -30.15 12.53 2.78
N GLU A 162 -30.81 12.47 3.96
CA GLU A 162 -31.04 13.65 4.78
C GLU A 162 -31.01 13.32 6.29
N LEU A 163 -30.37 14.18 7.08
CA LEU A 163 -30.28 14.05 8.54
C LEU A 163 -30.20 15.41 9.26
N HIS A 164 -30.23 15.42 10.61
CA HIS A 164 -30.07 16.64 11.41
C HIS A 164 -28.93 16.39 12.41
N LEU A 165 -27.89 17.26 12.42
CA LEU A 165 -26.69 17.08 13.25
C LEU A 165 -26.62 17.95 14.53
N SER A 166 -25.86 17.46 15.52
CA SER A 166 -25.61 18.10 16.81
C SER A 166 -24.09 18.37 16.90
N TRP A 167 -23.67 19.64 17.08
CA TRP A 167 -22.25 19.98 17.09
C TRP A 167 -21.65 20.20 18.47
N GLU A 168 -20.32 19.94 18.59
CA GLU A 168 -19.59 20.10 19.83
C GLU A 168 -19.49 21.57 20.20
N VAL A 169 -19.74 21.90 21.47
CA VAL A 169 -19.66 23.27 21.94
C VAL A 169 -18.21 23.61 22.31
N GLY A 170 -17.79 24.84 22.06
CA GLY A 170 -16.42 25.26 22.36
C GLY A 170 -15.42 25.03 21.24
N LYS A 171 -15.86 24.43 20.12
CA LYS A 171 -15.01 24.18 18.96
C LYS A 171 -15.76 24.59 17.68
N PRO A 172 -15.06 25.24 16.73
CA PRO A 172 -15.75 25.67 15.50
C PRO A 172 -16.23 24.50 14.66
N ARG A 173 -17.19 24.78 13.76
CA ARG A 173 -17.81 23.78 12.89
C ARG A 173 -17.19 23.91 11.50
N PRO A 174 -16.65 22.81 10.95
CA PRO A 174 -16.02 22.87 9.62
C PRO A 174 -16.99 23.15 8.47
N PRO A 175 -16.50 23.78 7.37
CA PRO A 175 -17.38 24.06 6.22
C PRO A 175 -17.98 22.77 5.64
N LEU A 176 -19.27 22.81 5.24
CA LEU A 176 -19.91 21.61 4.70
C LEU A 176 -19.97 21.56 3.17
N ASN A 177 -18.86 21.16 2.58
CA ASN A 177 -18.71 20.97 1.15
C ASN A 177 -18.00 19.61 0.91
N ARG A 178 -17.83 19.20 -0.35
CA ARG A 178 -17.17 17.93 -0.67
C ARG A 178 -15.68 17.93 -0.27
N ASN A 179 -15.07 19.13 -0.15
CA ASN A 179 -13.66 19.31 0.24
C ASN A 179 -13.40 18.63 1.59
N TYR A 180 -14.35 18.76 2.52
CA TYR A 180 -14.24 18.24 3.88
C TYR A 180 -14.83 16.83 4.01
N VAL A 181 -13.96 15.80 4.04
CA VAL A 181 -14.37 14.41 4.15
C VAL A 181 -14.26 13.89 5.61
N PHE A 182 -15.41 13.58 6.20
CA PHE A 182 -15.54 13.08 7.57
C PHE A 182 -15.34 11.58 7.65
N THR A 183 -15.27 11.03 8.85
CA THR A 183 -15.16 9.61 9.06
C THR A 183 -16.17 9.27 10.11
N GLY A 184 -17.09 8.40 9.77
CA GLY A 184 -18.16 8.02 10.66
C GLY A 184 -17.74 6.98 11.68
N TYR A 185 -18.37 7.00 12.88
CA TYR A 185 -18.05 6.04 13.94
C TYR A 185 -19.32 5.60 14.68
N GLN A 194 -16.36 2.92 13.10
CA GLN A 194 -15.53 3.14 11.92
C GLN A 194 -16.33 2.79 10.66
N ILE A 195 -17.53 3.40 10.51
CA ILE A 195 -18.51 3.17 9.44
C ILE A 195 -18.18 3.86 8.08
N GLY A 196 -16.90 4.08 7.81
CA GLY A 196 -16.48 4.66 6.55
C GLY A 196 -16.59 6.17 6.45
N GLU A 197 -15.94 6.73 5.41
CA GLU A 197 -15.92 8.16 5.16
C GLU A 197 -17.32 8.71 4.77
N TYR A 198 -17.65 9.93 5.21
CA TYR A 198 -18.96 10.54 4.94
C TYR A 198 -18.79 12.02 4.62
N THR A 199 -19.65 12.58 3.75
CA THR A 199 -19.62 14.01 3.38
C THR A 199 -21.02 14.67 3.60
N PHE A 200 -21.09 16.05 3.72
CA PHE A 200 -22.35 16.81 3.94
C PHE A 200 -22.59 18.03 3.01
N GLU A 201 -23.88 18.34 2.70
CA GLU A 201 -24.27 19.47 1.84
C GLU A 201 -25.59 20.14 2.29
N LYS A 202 -25.62 21.47 2.44
CA LYS A 202 -26.84 22.17 2.85
C LYS A 202 -27.78 22.50 1.67
N ASP A 207 -33.70 23.37 8.78
CA ASP A 207 -32.49 22.82 9.40
C ASP A 207 -31.96 21.55 8.70
N ALA A 208 -32.63 21.07 7.62
CA ALA A 208 -32.23 19.84 6.91
C ALA A 208 -30.91 19.91 6.16
N VAL A 209 -30.06 18.86 6.33
CA VAL A 209 -28.74 18.73 5.68
C VAL A 209 -28.64 17.36 4.93
N VAL A 210 -27.91 17.34 3.81
CA VAL A 210 -27.77 16.15 2.96
C VAL A 210 -26.50 15.31 3.33
N TYR A 211 -26.67 14.02 3.74
CA TYR A 211 -25.55 13.14 4.11
C TYR A 211 -25.14 12.17 2.98
N ARG A 212 -23.83 11.86 2.88
CA ARG A 212 -23.34 10.99 1.81
C ARG A 212 -22.11 10.16 2.19
N GLY A 213 -22.32 8.89 2.47
CA GLY A 213 -21.24 8.01 2.85
C GLY A 213 -20.61 7.21 1.75
N THR A 214 -19.28 7.13 1.77
CA THR A 214 -18.49 6.32 0.84
C THR A 214 -18.82 4.81 0.95
N THR A 215 -19.67 4.44 1.93
CA THR A 215 -20.19 3.12 2.26
C THR A 215 -21.68 3.36 2.65
N THR A 216 -22.63 2.59 2.09
CA THR A 216 -24.04 2.77 2.42
C THR A 216 -24.34 2.22 3.81
N TYR A 217 -24.88 3.06 4.71
CA TYR A 217 -25.16 2.62 6.06
C TYR A 217 -26.42 3.20 6.66
N LYS A 218 -27.16 2.35 7.38
CA LYS A 218 -28.39 2.70 8.09
C LYS A 218 -28.01 3.62 9.24
N LEU A 219 -27.96 4.95 8.97
CA LEU A 219 -27.56 5.99 9.89
C LEU A 219 -28.15 5.84 11.29
N ASN A 220 -27.29 5.50 12.26
CA ASN A 220 -27.69 5.32 13.66
C ASN A 220 -27.57 6.65 14.39
N VAL A 221 -28.55 6.96 15.26
CA VAL A 221 -28.52 8.17 16.08
C VAL A 221 -27.47 7.95 17.20
N GLY A 222 -26.63 8.95 17.45
CA GLY A 222 -25.54 8.80 18.40
C GLY A 222 -24.21 8.58 17.70
N ASP A 223 -24.25 8.04 16.47
CA ASP A 223 -23.04 7.85 15.68
C ASP A 223 -22.48 9.24 15.33
N TYR A 224 -21.16 9.39 15.37
CA TYR A 224 -20.52 10.69 15.19
C TYR A 224 -19.54 10.74 14.00
N PHE A 225 -19.15 11.94 13.58
CA PHE A 225 -18.28 12.14 12.43
C PHE A 225 -17.13 13.05 12.78
N VAL A 226 -15.91 12.70 12.35
CA VAL A 226 -14.71 13.51 12.60
C VAL A 226 -13.88 13.56 11.31
N LEU A 227 -13.32 14.73 10.95
CA LEU A 227 -12.45 14.85 9.78
C LEU A 227 -11.21 14.01 10.00
N THR A 228 -11.01 12.92 9.23
CA THR A 228 -9.84 12.08 9.46
C THR A 228 -8.55 12.81 9.17
N SER A 229 -7.75 12.89 10.21
CA SER A 229 -6.44 13.48 10.24
C SER A 229 -5.49 12.34 9.87
N HIS A 230 -4.69 12.52 8.82
CA HIS A 230 -3.75 11.49 8.39
C HIS A 230 -2.31 11.87 8.73
N THR A 231 -1.50 10.86 9.13
CA THR A 231 -0.08 11.02 9.48
C THR A 231 0.65 11.50 8.24
N VAL A 232 1.40 12.60 8.36
CA VAL A 232 2.16 13.15 7.24
C VAL A 232 3.47 12.43 7.19
N MET A 233 3.74 11.75 6.09
CA MET A 233 4.99 11.02 5.92
C MET A 233 6.13 11.96 5.50
N PRO A 234 7.38 11.64 5.86
CA PRO A 234 8.50 12.48 5.46
C PRO A 234 8.75 12.48 3.95
N LEU A 235 9.34 13.58 3.45
CA LEU A 235 9.67 13.75 2.04
C LEU A 235 11.16 13.49 1.88
N SER A 236 11.54 12.86 0.75
CA SER A 236 12.93 12.50 0.50
C SER A 236 13.38 12.91 -0.90
N ALA A 237 12.48 12.78 -1.89
CA ALA A 237 12.78 13.11 -3.28
C ALA A 237 12.50 14.59 -3.61
N PRO A 238 13.25 15.19 -4.56
CA PRO A 238 12.94 16.58 -4.96
C PRO A 238 11.56 16.70 -5.66
N THR A 239 11.02 17.93 -5.77
CA THR A 239 9.75 18.15 -6.48
C THR A 239 9.93 17.91 -7.99
N LEU A 240 11.11 18.22 -8.50
CA LEU A 240 11.58 18.02 -9.85
C LEU A 240 12.97 17.44 -9.74
N VAL A 241 13.24 16.35 -10.46
CA VAL A 241 14.60 15.82 -10.51
C VAL A 241 15.48 16.84 -11.31
N PRO A 242 16.83 16.80 -11.21
CA PRO A 242 17.63 17.75 -12.01
C PRO A 242 17.38 17.47 -13.50
N GLN A 243 17.20 18.55 -14.29
CA GLN A 243 16.95 18.42 -15.72
C GLN A 243 18.17 17.88 -16.44
N GLU A 244 17.95 17.07 -17.49
CA GLU A 244 19.00 16.53 -18.36
C GLU A 244 18.51 16.67 -19.80
N HIS A 245 19.34 17.20 -20.68
CA HIS A 245 19.01 17.27 -22.08
C HIS A 245 19.90 16.28 -22.83
N TYR A 246 19.32 15.58 -23.78
CA TYR A 246 19.99 14.54 -24.54
C TYR A 246 20.05 14.92 -26.02
N VAL A 247 21.06 14.38 -26.71
CA VAL A 247 21.25 14.62 -28.14
C VAL A 247 20.37 13.70 -29.01
N ARG A 248 19.89 12.60 -28.42
CA ARG A 248 19.06 11.60 -29.05
C ARG A 248 17.95 11.20 -28.10
N ILE A 249 16.89 10.55 -28.63
CA ILE A 249 15.80 9.99 -27.82
C ILE A 249 16.42 8.86 -27.01
N THR A 250 16.30 8.94 -25.69
CA THR A 250 16.97 8.04 -24.79
C THR A 250 16.07 7.01 -24.13
N GLY A 251 16.39 5.73 -24.30
CA GLY A 251 15.66 4.63 -23.67
C GLY A 251 14.25 4.38 -24.17
N LEU A 252 13.87 5.10 -25.21
CA LEU A 252 12.55 4.98 -25.81
C LEU A 252 12.72 4.69 -27.29
N TYR A 253 11.81 3.90 -27.85
CA TYR A 253 11.94 3.50 -29.25
C TYR A 253 10.70 3.91 -30.05
N PRO A 254 10.88 4.94 -30.91
CA PRO A 254 9.72 5.48 -31.65
C PRO A 254 9.19 4.59 -32.79
N THR A 255 8.03 4.95 -33.39
CA THR A 255 7.53 4.24 -34.57
C THR A 255 7.64 5.18 -35.78
N LEU A 256 7.67 4.59 -36.96
CA LEU A 256 7.61 5.29 -38.24
C LEU A 256 6.10 5.32 -38.61
N ASN A 257 5.42 4.18 -38.39
CA ASN A 257 4.01 3.90 -38.54
C ASN A 257 3.29 4.61 -37.38
N ILE A 258 3.12 5.94 -37.48
CA ILE A 258 2.42 6.70 -36.43
C ILE A 258 1.09 7.26 -36.96
N SER A 259 -0.05 6.85 -36.32
CA SER A 259 -1.42 7.24 -36.70
C SER A 259 -1.54 8.74 -36.99
N ASP A 260 -2.13 9.10 -38.16
CA ASP A 260 -2.29 10.50 -38.58
C ASP A 260 -2.95 11.39 -37.51
N GLU A 261 -3.78 10.77 -36.66
CA GLU A 261 -4.47 11.37 -35.53
C GLU A 261 -3.47 12.07 -34.58
N PHE A 262 -2.30 11.46 -34.38
CA PHE A 262 -1.22 11.88 -33.48
C PHE A 262 -0.01 12.50 -34.13
N SER A 263 -0.02 12.65 -35.46
CA SER A 263 1.07 13.26 -36.21
C SER A 263 1.37 14.68 -35.75
N SER A 264 0.35 15.42 -35.30
CA SER A 264 0.54 16.79 -34.83
C SER A 264 1.45 16.87 -33.60
N ASN A 265 1.54 15.78 -32.81
CA ASN A 265 2.35 15.77 -31.60
C ASN A 265 3.70 15.07 -31.74
N VAL A 266 4.05 14.58 -32.93
CA VAL A 266 5.30 13.84 -33.13
C VAL A 266 6.55 14.62 -32.70
N ALA A 267 6.69 15.91 -33.09
CA ALA A 267 7.88 16.69 -32.69
C ALA A 267 7.98 16.80 -31.15
N ASN A 268 6.86 17.06 -30.46
CA ASN A 268 6.82 17.12 -28.99
C ASN A 268 7.08 15.76 -28.32
N TYR A 269 6.65 14.66 -28.95
CA TYR A 269 6.92 13.31 -28.46
C TYR A 269 8.42 13.03 -28.51
N GLN A 270 9.12 13.54 -29.54
CA GLN A 270 10.55 13.40 -29.67
C GLN A 270 11.23 14.25 -28.60
N LYS A 271 10.71 15.48 -28.34
CA LYS A 271 11.21 16.38 -27.28
C LYS A 271 11.14 15.66 -25.93
N VAL A 272 10.03 14.92 -25.69
CA VAL A 272 9.81 14.14 -24.47
C VAL A 272 10.97 13.11 -24.24
N GLY A 273 11.41 12.43 -25.30
CA GLY A 273 12.48 11.44 -25.24
C GLY A 273 13.88 12.02 -25.20
N MET A 274 14.02 13.33 -25.46
CA MET A 274 15.32 14.01 -25.47
C MET A 274 15.61 14.88 -24.24
N GLN A 275 14.80 14.74 -23.17
CA GLN A 275 14.96 15.47 -21.91
C GLN A 275 14.49 14.57 -20.75
N LYS A 276 15.06 14.73 -19.56
CA LYS A 276 14.65 13.93 -18.39
C LYS A 276 13.18 14.23 -18.03
N TYR A 277 12.77 15.51 -18.13
CA TYR A 277 11.38 15.88 -17.88
C TYR A 277 10.93 16.99 -18.82
N SER A 278 9.63 17.07 -19.05
CA SER A 278 9.07 18.12 -19.90
C SER A 278 7.73 18.61 -19.40
N THR A 279 7.44 19.90 -19.60
CA THR A 279 6.19 20.50 -19.17
C THR A 279 5.32 20.78 -20.38
N LEU A 280 4.05 20.45 -20.27
CA LEU A 280 3.11 20.69 -21.35
C LEU A 280 1.94 21.57 -20.83
N GLN A 281 1.82 22.81 -21.35
CA GLN A 281 0.70 23.66 -21.01
C GLN A 281 -0.39 23.43 -22.06
N GLY A 282 -1.50 22.92 -21.59
CA GLY A 282 -2.65 22.66 -22.45
C GLY A 282 -3.88 23.36 -21.95
N PRO A 283 -4.21 24.53 -22.53
CA PRO A 283 -5.48 25.20 -22.21
C PRO A 283 -6.71 24.28 -22.39
N PRO A 284 -7.92 24.68 -21.94
CA PRO A 284 -9.09 23.79 -22.07
C PRO A 284 -9.31 23.30 -23.52
N GLY A 285 -9.56 21.99 -23.66
CA GLY A 285 -9.92 21.37 -24.94
C GLY A 285 -8.88 21.39 -26.04
N THR A 286 -7.59 21.51 -25.67
CA THR A 286 -6.50 21.56 -26.63
C THR A 286 -5.87 20.20 -26.96
N GLY A 287 -6.23 19.16 -26.22
CA GLY A 287 -5.73 17.82 -26.50
C GLY A 287 -4.74 17.27 -25.50
N LYS A 288 -4.94 17.50 -24.19
CA LYS A 288 -4.06 16.98 -23.16
C LYS A 288 -4.14 15.44 -23.08
N SER A 289 -5.37 14.85 -22.99
CA SER A 289 -5.54 13.40 -22.91
C SER A 289 -5.03 12.74 -24.17
N HIS A 290 -5.34 13.36 -25.31
CA HIS A 290 -4.97 12.88 -26.61
C HIS A 290 -3.44 12.85 -26.72
N PHE A 291 -2.77 13.91 -26.25
CA PHE A 291 -1.32 13.98 -26.22
C PHE A 291 -0.77 12.87 -25.31
N ALA A 292 -1.28 12.77 -24.09
CA ALA A 292 -0.85 11.76 -23.13
C ALA A 292 -0.96 10.33 -23.66
N ILE A 293 -2.13 9.95 -24.25
CA ILE A 293 -2.32 8.60 -24.73
C ILE A 293 -1.51 8.35 -26.03
N GLY A 294 -1.34 9.38 -26.85
CA GLY A 294 -0.55 9.31 -28.08
C GLY A 294 0.95 9.13 -27.88
N LEU A 295 1.40 9.47 -26.70
CA LEU A 295 2.78 9.26 -26.31
C LEU A 295 3.03 7.73 -26.20
N ALA A 296 2.00 6.94 -25.75
CA ALA A 296 2.05 5.48 -25.65
C ALA A 296 2.13 4.83 -27.02
N LEU A 297 1.37 5.37 -27.98
CA LEU A 297 1.40 4.89 -29.35
C LEU A 297 2.72 5.29 -30.07
N TYR A 298 3.33 6.41 -29.68
CA TYR A 298 4.58 6.84 -30.28
C TYR A 298 5.75 6.04 -29.77
N TYR A 299 5.74 5.63 -28.47
CA TYR A 299 6.80 4.76 -27.91
C TYR A 299 6.10 3.49 -27.47
N PRO A 300 5.75 2.63 -28.45
CA PRO A 300 4.87 1.48 -28.17
C PRO A 300 5.33 0.43 -27.17
N SER A 301 6.63 0.26 -26.99
CA SER A 301 7.14 -0.73 -26.03
C SER A 301 7.38 -0.13 -24.61
N ALA A 302 7.36 1.23 -24.51
CA ALA A 302 7.57 1.94 -23.26
C ALA A 302 6.49 1.66 -22.20
N ARG A 303 6.93 1.41 -20.97
CA ARG A 303 6.03 1.21 -19.84
C ARG A 303 5.69 2.62 -19.30
N ILE A 304 4.38 2.97 -19.26
CA ILE A 304 3.97 4.30 -18.82
C ILE A 304 3.07 4.27 -17.60
N VAL A 305 3.41 5.09 -16.61
CA VAL A 305 2.58 5.25 -15.45
C VAL A 305 1.89 6.60 -15.59
N TYR A 306 0.56 6.57 -15.66
CA TYR A 306 -0.29 7.74 -15.78
C TYR A 306 -0.81 8.03 -14.38
N THR A 307 -0.50 9.22 -13.90
CA THR A 307 -0.87 9.64 -12.55
C THR A 307 -1.45 11.05 -12.56
N ALA A 308 -2.21 11.37 -11.50
CA ALA A 308 -2.84 12.66 -11.21
C ALA A 308 -3.32 12.66 -9.73
N CYS A 309 -3.64 13.83 -9.16
CA CYS A 309 -4.07 13.87 -7.76
C CYS A 309 -5.45 13.27 -7.55
N SER A 310 -6.39 13.59 -8.47
CA SER A 310 -7.78 13.13 -8.32
C SER A 310 -8.13 11.84 -9.05
N HIS A 311 -9.15 11.14 -8.54
CA HIS A 311 -9.67 9.96 -9.20
C HIS A 311 -10.32 10.35 -10.53
N ALA A 312 -10.98 11.53 -10.60
CA ALA A 312 -11.58 11.98 -11.86
C ALA A 312 -10.52 12.23 -12.95
N ALA A 313 -9.35 12.79 -12.58
CA ALA A 313 -8.28 13.04 -13.57
C ALA A 313 -7.71 11.73 -14.09
N VAL A 314 -7.52 10.72 -13.18
CA VAL A 314 -6.99 9.41 -13.55
C VAL A 314 -8.00 8.68 -14.45
N ASP A 315 -9.32 8.77 -14.11
CA ASP A 315 -10.44 8.15 -14.88
C ASP A 315 -10.54 8.72 -16.30
N ALA A 316 -10.32 10.02 -16.47
CA ALA A 316 -10.35 10.65 -17.80
C ALA A 316 -9.17 10.16 -18.68
N LEU A 317 -8.01 9.83 -18.05
CA LEU A 317 -6.88 9.28 -18.79
C LEU A 317 -7.22 7.83 -19.21
N CYS A 318 -7.88 7.05 -18.31
CA CYS A 318 -8.35 5.70 -18.57
C CYS A 318 -9.34 5.71 -19.74
N GLU A 319 -10.29 6.67 -19.76
CA GLU A 319 -11.28 6.79 -20.83
C GLU A 319 -10.63 6.99 -22.20
N LYS A 320 -9.64 7.90 -22.28
CA LYS A 320 -8.93 8.15 -23.53
C LYS A 320 -8.06 6.94 -23.92
N ALA A 321 -7.48 6.22 -22.93
CA ALA A 321 -6.67 5.01 -23.15
C ALA A 321 -7.51 3.83 -23.66
N LEU A 322 -8.74 3.68 -23.17
CA LEU A 322 -9.66 2.63 -23.55
C LEU A 322 -9.91 2.62 -25.08
N LYS A 323 -9.97 3.83 -25.65
CA LYS A 323 -10.19 4.15 -27.06
C LYS A 323 -8.95 3.91 -27.97
N TYR A 324 -7.71 3.91 -27.42
CA TYR A 324 -6.51 3.77 -28.26
C TYR A 324 -5.50 2.71 -27.88
N LEU A 325 -5.50 2.29 -26.63
CA LEU A 325 -4.51 1.34 -26.12
C LEU A 325 -5.11 -0.03 -25.87
N PRO A 326 -4.29 -1.09 -25.98
CA PRO A 326 -4.80 -2.45 -25.71
C PRO A 326 -5.25 -2.58 -24.27
N ILE A 327 -6.53 -2.89 -24.03
CA ILE A 327 -7.11 -3.02 -22.69
C ILE A 327 -6.37 -4.05 -21.81
N ASP A 328 -5.75 -5.08 -22.42
CA ASP A 328 -5.01 -6.09 -21.66
C ASP A 328 -3.65 -5.61 -21.11
N LYS A 329 -3.12 -4.49 -21.64
CA LYS A 329 -1.87 -3.94 -21.11
C LYS A 329 -2.13 -2.74 -20.18
N CYS A 330 -3.40 -2.54 -19.72
CA CYS A 330 -3.83 -1.48 -18.81
C CYS A 330 -4.30 -1.99 -17.45
N SER A 331 -3.99 -1.22 -16.41
CA SER A 331 -4.47 -1.51 -15.07
C SER A 331 -4.81 -0.24 -14.27
N ARG A 332 -5.99 -0.24 -13.62
CA ARG A 332 -6.40 0.88 -12.79
C ARG A 332 -6.09 0.51 -11.33
N ILE A 333 -5.13 1.22 -10.68
CA ILE A 333 -4.73 0.96 -9.28
C ILE A 333 -5.71 1.66 -8.38
N ILE A 334 -6.40 0.89 -7.55
CA ILE A 334 -7.43 1.36 -6.64
C ILE A 334 -7.03 1.05 -5.21
N PRO A 335 -6.91 2.08 -4.35
CA PRO A 335 -6.59 1.83 -2.94
C PRO A 335 -7.74 1.09 -2.26
N ALA A 336 -7.44 -0.06 -1.61
CA ALA A 336 -8.44 -0.88 -0.95
C ALA A 336 -9.31 -0.08 0.06
N ARG A 337 -8.87 1.14 0.46
CA ARG A 337 -9.65 2.05 1.30
C ARG A 337 -10.42 2.96 0.31
N ALA A 338 -11.34 2.35 -0.46
CA ALA A 338 -12.15 2.94 -1.52
C ALA A 338 -13.08 4.06 -1.04
N ARG A 339 -12.87 5.26 -1.56
CA ARG A 339 -13.63 6.47 -1.23
C ARG A 339 -14.74 6.75 -2.28
N VAL A 340 -14.38 7.11 -3.53
CA VAL A 340 -15.38 7.32 -4.59
C VAL A 340 -15.25 6.25 -5.69
N GLU A 341 -16.35 5.99 -6.41
CA GLU A 341 -16.37 5.03 -7.50
C GLU A 341 -15.48 5.55 -8.62
N CYS A 342 -14.67 4.67 -9.19
CA CYS A 342 -13.79 5.05 -10.28
C CYS A 342 -13.80 3.98 -11.42
N PHE A 343 -13.13 4.29 -12.54
CA PHE A 343 -13.01 3.50 -13.75
C PHE A 343 -12.94 1.98 -13.52
N ASP A 344 -13.94 1.23 -14.05
CA ASP A 344 -14.14 -0.21 -13.90
C ASP A 344 -13.79 -1.08 -15.09
N LYS A 345 -13.15 -0.55 -16.15
CA LYS A 345 -12.93 -1.33 -17.36
C LYS A 345 -11.56 -2.01 -17.48
N PHE A 346 -10.56 -1.60 -16.68
CA PHE A 346 -9.24 -2.25 -16.73
C PHE A 346 -9.11 -3.27 -15.59
N LYS A 347 -8.11 -4.18 -15.68
CA LYS A 347 -7.88 -5.11 -14.57
C LYS A 347 -7.39 -4.27 -13.35
N VAL A 348 -7.92 -4.54 -12.15
CA VAL A 348 -7.61 -3.73 -10.98
C VAL A 348 -6.39 -4.21 -10.17
N ASN A 349 -5.51 -3.24 -9.83
CA ASN A 349 -4.33 -3.41 -8.96
C ASN A 349 -3.26 -4.33 -9.52
N SER A 350 -3.11 -4.35 -10.85
CA SER A 350 -2.05 -5.11 -11.48
C SER A 350 -0.93 -4.12 -11.77
N THR A 351 -0.09 -3.88 -10.76
CA THR A 351 1.05 -2.97 -10.73
C THR A 351 2.04 -3.17 -11.92
N LEU A 352 2.10 -4.37 -12.48
CA LEU A 352 3.07 -4.68 -13.53
C LEU A 352 2.56 -4.58 -14.98
N GLU A 353 1.29 -4.15 -15.21
CA GLU A 353 0.81 -3.97 -16.59
C GLU A 353 1.60 -2.84 -17.25
N GLN A 354 1.74 -2.88 -18.57
CA GLN A 354 2.48 -1.85 -19.29
C GLN A 354 1.97 -0.41 -19.03
N TYR A 355 0.65 -0.24 -18.90
CA TYR A 355 0.00 1.04 -18.67
C TYR A 355 -0.67 0.98 -17.32
N VAL A 356 -0.21 1.81 -16.39
CA VAL A 356 -0.74 1.83 -15.05
C VAL A 356 -1.35 3.19 -14.76
N PHE A 357 -2.61 3.22 -14.35
CA PHE A 357 -3.32 4.46 -14.10
C PHE A 357 -3.61 4.48 -12.62
N CYS A 358 -3.12 5.50 -11.92
CA CYS A 358 -3.20 5.54 -10.47
C CYS A 358 -3.15 6.96 -9.91
N THR A 359 -3.90 7.26 -8.82
CA THR A 359 -3.79 8.57 -8.18
C THR A 359 -2.41 8.66 -7.47
N VAL A 360 -1.86 9.89 -7.26
CA VAL A 360 -0.56 10.07 -6.60
C VAL A 360 -0.51 9.36 -5.22
N ASN A 361 -1.54 9.56 -4.37
CA ASN A 361 -1.60 9.00 -3.01
C ASN A 361 -1.62 7.48 -2.93
N ALA A 362 -1.93 6.79 -4.07
CA ALA A 362 -2.00 5.33 -4.15
C ALA A 362 -0.86 4.70 -4.97
N LEU A 363 0.08 5.49 -5.50
CA LEU A 363 1.17 4.99 -6.32
C LEU A 363 1.99 3.91 -5.67
N PRO A 364 2.24 2.82 -6.40
CA PRO A 364 3.12 1.79 -5.87
C PRO A 364 4.60 2.20 -6.07
N GLU A 365 5.50 1.41 -5.46
CA GLU A 365 6.91 1.65 -5.62
C GLU A 365 7.37 0.84 -6.79
N THR A 366 7.54 1.54 -7.92
CA THR A 366 7.88 0.92 -9.20
C THR A 366 8.75 1.85 -10.08
N THR A 367 9.14 1.35 -11.26
CA THR A 367 9.87 2.09 -12.27
C THR A 367 9.00 2.17 -13.56
N ALA A 368 9.38 3.05 -14.48
CA ALA A 368 8.66 3.23 -15.74
C ALA A 368 9.59 3.87 -16.76
N ASP A 369 9.31 3.67 -18.04
CA ASP A 369 10.09 4.34 -19.09
C ASP A 369 9.63 5.83 -19.19
N ILE A 370 8.33 6.08 -18.91
CA ILE A 370 7.72 7.41 -18.89
C ILE A 370 6.70 7.48 -17.74
N VAL A 371 6.72 8.60 -17.02
CA VAL A 371 5.70 8.90 -16.04
C VAL A 371 4.97 10.12 -16.62
N VAL A 372 3.63 10.03 -16.74
CA VAL A 372 2.82 11.16 -17.20
C VAL A 372 2.02 11.61 -15.98
N PHE A 373 2.26 12.84 -15.53
CA PHE A 373 1.55 13.42 -14.38
C PHE A 373 0.63 14.49 -14.98
N ASP A 374 -0.67 14.25 -14.92
CA ASP A 374 -1.69 15.11 -15.49
C ASP A 374 -2.36 16.00 -14.43
N GLU A 375 -3.09 17.06 -14.91
CA GLU A 375 -3.77 18.09 -14.10
C GLU A 375 -2.77 18.68 -13.08
N ILE A 376 -1.60 19.17 -13.57
CA ILE A 376 -0.49 19.66 -12.75
C ILE A 376 -0.83 20.93 -11.96
N SER A 377 -1.81 21.76 -12.36
CA SER A 377 -2.19 22.91 -11.55
C SER A 377 -2.76 22.44 -10.16
N MET A 378 -3.38 21.24 -10.11
CA MET A 378 -3.93 20.68 -8.88
C MET A 378 -2.90 20.03 -7.96
N ALA A 379 -1.70 19.80 -8.44
CA ALA A 379 -0.67 19.18 -7.62
C ALA A 379 -0.07 20.22 -6.67
N THR A 380 0.38 19.73 -5.54
CA THR A 380 1.15 20.51 -4.56
C THR A 380 2.60 20.00 -4.69
N ASN A 381 3.54 20.70 -4.05
CA ASN A 381 4.92 20.26 -4.02
C ASN A 381 5.07 18.94 -3.24
N TYR A 382 4.18 18.69 -2.24
CA TYR A 382 4.15 17.44 -1.49
C TYR A 382 3.88 16.27 -2.48
N ASP A 383 2.90 16.46 -3.39
CA ASP A 383 2.57 15.50 -4.44
C ASP A 383 3.73 15.32 -5.44
N LEU A 384 4.38 16.43 -5.87
CA LEU A 384 5.50 16.39 -6.80
C LEU A 384 6.64 15.53 -6.26
N SER A 385 6.94 15.70 -4.95
CA SER A 385 7.99 14.97 -4.26
C SER A 385 7.62 13.47 -4.11
N VAL A 386 6.36 13.14 -3.74
CA VAL A 386 5.88 11.75 -3.58
C VAL A 386 6.02 11.01 -4.91
N VAL A 387 5.66 11.65 -6.03
CA VAL A 387 5.83 11.02 -7.34
C VAL A 387 7.31 10.68 -7.61
N ASN A 388 8.24 11.62 -7.34
CA ASN A 388 9.65 11.33 -7.56
C ASN A 388 10.19 10.23 -6.61
N ALA A 389 9.55 10.06 -5.43
CA ALA A 389 9.95 9.06 -4.46
C ALA A 389 9.42 7.65 -4.73
N ARG A 390 8.21 7.54 -5.28
CA ARG A 390 7.63 6.21 -5.57
C ARG A 390 7.95 5.71 -7.00
N LEU A 391 8.21 6.63 -7.92
CA LEU A 391 8.46 6.26 -9.31
C LEU A 391 9.85 6.66 -9.85
N ARG A 392 10.65 5.68 -10.27
CA ARG A 392 11.96 5.96 -10.88
C ARG A 392 11.78 5.80 -12.38
N ALA A 393 11.81 6.92 -13.14
CA ALA A 393 11.53 6.87 -14.58
C ALA A 393 12.63 7.43 -15.47
N LYS A 394 12.67 6.98 -16.73
CA LYS A 394 13.62 7.54 -17.68
C LYS A 394 13.18 8.96 -18.05
N HIS A 395 11.83 9.18 -18.18
CA HIS A 395 11.26 10.47 -18.55
C HIS A 395 10.02 10.78 -17.77
N TYR A 396 9.81 12.07 -17.47
CA TYR A 396 8.66 12.54 -16.71
C TYR A 396 7.98 13.63 -17.51
N VAL A 397 6.66 13.54 -17.70
CA VAL A 397 5.92 14.55 -18.45
C VAL A 397 4.84 15.14 -17.59
N TYR A 398 4.88 16.46 -17.41
CA TYR A 398 3.93 17.17 -16.57
C TYR A 398 2.96 17.89 -17.44
N ILE A 399 1.72 17.46 -17.38
CA ILE A 399 0.64 18.04 -18.15
C ILE A 399 -0.40 18.78 -17.30
N GLY A 400 -0.73 19.99 -17.73
CA GLY A 400 -1.74 20.78 -17.07
C GLY A 400 -1.80 22.16 -17.62
N ASP A 401 -2.28 23.08 -16.81
CA ASP A 401 -2.45 24.47 -17.23
C ASP A 401 -2.40 25.37 -16.00
N PRO A 402 -1.36 26.23 -15.89
CA PRO A 402 -1.32 27.16 -14.74
C PRO A 402 -2.44 28.21 -14.76
N ALA A 403 -3.20 28.32 -15.86
CA ALA A 403 -4.37 29.19 -15.95
C ALA A 403 -5.67 28.49 -15.46
N GLN A 404 -5.54 27.26 -14.90
CA GLN A 404 -6.68 26.59 -14.32
C GLN A 404 -6.54 26.54 -12.79
N LEU A 405 -7.47 25.89 -12.10
CA LEU A 405 -7.52 25.91 -10.65
C LEU A 405 -6.45 25.10 -9.94
N PRO A 406 -5.92 25.65 -8.81
CA PRO A 406 -4.96 24.87 -8.02
C PRO A 406 -5.67 24.05 -6.93
N ALA A 407 -4.91 23.24 -6.17
CA ALA A 407 -5.48 22.50 -5.07
C ALA A 407 -5.88 23.51 -3.98
N PRO A 408 -7.01 23.27 -3.31
CA PRO A 408 -7.41 24.16 -2.20
C PRO A 408 -6.36 24.17 -1.09
N ARG A 409 -6.04 25.36 -0.58
CA ARG A 409 -5.09 25.50 0.53
C ARG A 409 -5.95 25.91 1.71
N THR A 410 -6.46 24.92 2.44
CA THR A 410 -7.39 25.12 3.55
C THR A 410 -6.94 26.12 4.62
N LEU A 411 -5.62 26.31 4.82
CA LEU A 411 -5.15 27.25 5.82
C LEU A 411 -5.02 28.68 5.30
N LEU A 412 -4.82 28.85 3.98
CA LEU A 412 -4.64 30.17 3.39
C LEU A 412 -5.91 31.04 3.43
N THR A 413 -5.84 32.16 4.17
CA THR A 413 -6.98 33.09 4.25
C THR A 413 -6.61 34.51 3.83
N LYS A 414 -5.32 34.85 3.81
CA LYS A 414 -4.89 36.19 3.48
C LYS A 414 -4.00 36.24 2.25
N GLY A 415 -4.51 36.86 1.21
CA GLY A 415 -3.77 37.01 -0.03
C GLY A 415 -4.26 36.03 -1.08
N THR A 416 -3.94 36.34 -2.33
CA THR A 416 -4.32 35.45 -3.42
C THR A 416 -3.04 34.78 -3.92
N LEU A 417 -3.10 33.46 -4.07
CA LEU A 417 -1.98 32.65 -4.56
C LEU A 417 -1.90 32.66 -6.09
N GLU A 418 -0.87 33.27 -6.65
CA GLU A 418 -0.68 33.33 -8.10
C GLU A 418 -0.23 31.97 -8.70
N PRO A 419 -0.59 31.73 -9.99
CA PRO A 419 -0.20 30.47 -10.69
C PRO A 419 1.28 30.04 -10.61
N GLU A 420 2.23 31.00 -10.66
CA GLU A 420 3.65 30.66 -10.51
C GLU A 420 4.03 30.11 -9.14
N TYR A 421 3.10 30.10 -8.19
CA TYR A 421 3.35 29.60 -6.85
C TYR A 421 2.52 28.34 -6.50
N PHE A 422 1.80 27.75 -7.48
CA PHE A 422 0.97 26.56 -7.25
C PHE A 422 1.86 25.39 -6.87
N ASN A 423 2.96 25.22 -7.60
CA ASN A 423 3.95 24.16 -7.38
C ASN A 423 5.20 24.44 -8.28
N SER A 424 6.26 23.58 -8.21
CA SER A 424 7.48 23.80 -8.99
C SER A 424 7.23 23.75 -10.48
N VAL A 425 6.31 22.87 -10.92
CA VAL A 425 6.02 22.75 -12.34
C VAL A 425 5.37 24.03 -12.86
N CYS A 426 4.34 24.52 -12.13
CA CYS A 426 3.65 25.75 -12.50
C CYS A 426 4.56 26.93 -12.44
N ARG A 427 5.46 26.96 -11.46
CA ARG A 427 6.47 28.01 -11.38
C ARG A 427 7.34 28.03 -12.68
N LEU A 428 7.86 26.87 -13.09
CA LEU A 428 8.62 26.78 -14.32
C LEU A 428 7.79 27.23 -15.54
N MET A 429 6.54 26.74 -15.67
CA MET A 429 5.68 27.13 -16.79
C MET A 429 5.39 28.65 -16.85
N LYS A 430 5.33 29.31 -15.70
CA LYS A 430 5.05 30.74 -15.67
C LYS A 430 6.29 31.61 -15.83
N THR A 431 7.48 31.06 -15.51
CA THR A 431 8.72 31.85 -15.56
C THR A 431 9.48 31.65 -16.90
N ILE A 432 10.00 30.45 -17.16
CA ILE A 432 10.74 30.17 -18.39
C ILE A 432 9.82 29.70 -19.55
N GLY A 433 8.52 29.52 -19.27
CA GLY A 433 7.56 29.01 -20.23
C GLY A 433 7.51 27.50 -20.21
N PRO A 434 6.41 26.93 -20.72
CA PRO A 434 6.34 25.47 -20.80
C PRO A 434 7.20 24.96 -21.97
N ASP A 435 7.67 23.72 -21.87
CA ASP A 435 8.43 23.12 -22.96
C ASP A 435 7.54 22.97 -24.21
N MET A 436 6.26 22.59 -23.97
CA MET A 436 5.32 22.37 -25.05
C MET A 436 4.00 23.10 -24.74
N PHE A 437 3.34 23.68 -25.77
CA PHE A 437 2.05 24.42 -25.64
C PHE A 437 1.05 23.97 -26.70
N LEU A 438 -0.13 23.45 -26.27
CA LEU A 438 -1.19 23.07 -27.19
C LEU A 438 -2.02 24.36 -27.48
N GLY A 439 -1.82 24.94 -28.65
CA GLY A 439 -2.41 26.23 -28.99
C GLY A 439 -3.76 26.28 -29.67
N THR A 440 -4.41 25.13 -29.92
CA THR A 440 -5.72 25.15 -30.57
C THR A 440 -6.81 24.52 -29.71
N CYS A 441 -7.80 25.33 -29.33
CA CYS A 441 -8.91 24.83 -28.53
C CYS A 441 -9.91 24.22 -29.49
N ARG A 442 -10.18 22.94 -29.40
CA ARG A 442 -11.15 22.29 -30.28
C ARG A 442 -12.56 22.17 -29.63
N ARG A 443 -12.70 22.47 -28.34
CA ARG A 443 -13.98 22.33 -27.66
C ARG A 443 -14.96 23.48 -27.80
N CYS A 444 -14.49 24.69 -27.51
CA CYS A 444 -15.34 25.83 -27.27
C CYS A 444 -15.69 26.63 -28.48
N PRO A 445 -16.92 27.21 -28.46
CA PRO A 445 -17.27 28.19 -29.50
C PRO A 445 -16.26 29.36 -29.47
N ALA A 446 -15.97 29.99 -30.61
CA ALA A 446 -14.95 31.05 -30.67
C ALA A 446 -15.13 32.20 -29.66
N GLU A 447 -16.38 32.60 -29.33
CA GLU A 447 -16.62 33.66 -28.34
C GLU A 447 -15.91 33.37 -27.01
N ILE A 448 -15.98 32.11 -26.54
CA ILE A 448 -15.32 31.65 -25.32
C ILE A 448 -13.82 31.60 -25.53
N VAL A 449 -13.35 30.98 -26.64
CA VAL A 449 -11.92 30.90 -26.91
C VAL A 449 -11.24 32.31 -26.91
N ASP A 450 -11.84 33.27 -27.62
CA ASP A 450 -11.33 34.62 -27.75
C ASP A 450 -11.27 35.33 -26.41
N THR A 451 -12.30 35.13 -25.56
CA THR A 451 -12.32 35.75 -24.23
C THR A 451 -11.18 35.24 -23.32
N VAL A 452 -11.02 33.89 -23.17
CA VAL A 452 -9.99 33.31 -22.31
C VAL A 452 -8.60 33.48 -22.91
N SER A 453 -8.47 33.48 -24.27
CA SER A 453 -7.20 33.72 -24.92
C SER A 453 -6.61 35.09 -24.48
N ALA A 454 -7.46 36.14 -24.50
CA ALA A 454 -7.05 37.47 -24.06
C ALA A 454 -6.88 37.57 -22.52
N LEU A 455 -7.78 36.90 -21.78
CA LEU A 455 -7.77 36.93 -20.34
C LEU A 455 -6.55 36.27 -19.71
N VAL A 456 -6.21 35.00 -20.07
CA VAL A 456 -5.14 34.29 -19.39
C VAL A 456 -4.06 33.66 -20.28
N TYR A 457 -4.22 33.71 -21.60
CA TYR A 457 -3.27 33.02 -22.50
C TYR A 457 -2.43 33.95 -23.35
N ASP A 458 -2.38 35.25 -23.01
CA ASP A 458 -1.62 36.24 -23.75
C ASP A 458 -1.90 36.23 -25.26
N ASN A 459 -3.15 35.97 -25.64
CA ASN A 459 -3.64 35.93 -27.02
C ASN A 459 -3.02 34.84 -27.88
N LYS A 460 -2.52 33.77 -27.26
CA LYS A 460 -1.90 32.64 -27.98
C LYS A 460 -2.83 31.45 -28.18
N LEU A 461 -4.02 31.45 -27.54
CA LEU A 461 -4.97 30.36 -27.71
C LEU A 461 -5.83 30.68 -28.92
N LYS A 462 -5.91 29.74 -29.87
CA LYS A 462 -6.68 29.91 -31.09
C LYS A 462 -7.95 29.05 -31.11
N ALA A 463 -9.04 29.54 -31.78
CA ALA A 463 -10.31 28.80 -31.84
C ALA A 463 -10.35 27.90 -33.04
N HIS A 464 -10.76 26.64 -32.84
CA HIS A 464 -10.96 25.74 -33.96
C HIS A 464 -12.42 25.96 -34.44
N LYS A 465 -13.38 25.91 -33.50
CA LYS A 465 -14.77 26.11 -33.85
C LYS A 465 -15.04 27.55 -34.22
N ASP A 466 -16.13 27.76 -34.98
CA ASP A 466 -16.59 29.10 -35.32
C ASP A 466 -17.31 29.65 -34.05
N LYS A 467 -17.72 30.94 -34.09
CA LYS A 467 -18.59 31.51 -33.07
C LYS A 467 -19.94 30.72 -33.15
N SER A 468 -20.45 30.26 -32.01
CA SER A 468 -21.70 29.49 -32.01
C SER A 468 -22.94 30.39 -32.08
N ALA A 469 -22.82 31.71 -31.74
CA ALA A 469 -23.92 32.66 -31.59
C ALA A 469 -24.95 32.17 -30.54
N GLN A 470 -24.45 31.35 -29.57
CA GLN A 470 -25.17 30.80 -28.43
C GLN A 470 -24.41 31.10 -27.12
N CYS A 471 -23.62 32.19 -27.07
CA CYS A 471 -22.87 32.61 -25.90
C CYS A 471 -23.43 33.94 -25.47
N PHE A 472 -24.09 33.95 -24.33
CA PHE A 472 -24.77 35.14 -23.84
C PHE A 472 -24.27 35.59 -22.49
N LYS A 473 -24.39 36.90 -22.24
CA LYS A 473 -24.00 37.48 -20.99
C LYS A 473 -25.09 38.44 -20.50
N MET A 474 -25.31 38.46 -19.19
CA MET A 474 -26.27 39.39 -18.60
C MET A 474 -25.68 39.96 -17.36
N PHE A 475 -25.72 41.27 -17.22
CA PHE A 475 -25.17 41.93 -16.06
C PHE A 475 -26.32 42.09 -15.05
N TYR A 476 -26.30 41.32 -13.97
CA TYR A 476 -27.40 41.31 -13.00
C TYR A 476 -26.88 41.03 -11.59
N LYS A 477 -26.73 42.06 -10.74
CA LYS A 477 -26.15 41.85 -9.41
C LYS A 477 -27.08 41.05 -8.46
N GLY A 478 -28.40 41.17 -8.64
CA GLY A 478 -29.37 40.43 -7.85
C GLY A 478 -29.27 40.75 -6.37
N VAL A 479 -29.40 39.73 -5.51
CA VAL A 479 -29.36 39.86 -4.06
C VAL A 479 -28.53 38.72 -3.52
N ILE A 480 -27.53 39.04 -2.69
CA ILE A 480 -26.65 38.02 -2.16
C ILE A 480 -27.03 37.67 -0.74
N THR A 481 -27.36 36.41 -0.53
CA THR A 481 -27.64 35.90 0.81
C THR A 481 -26.53 34.89 1.17
N HIS A 482 -26.46 34.44 2.41
CA HIS A 482 -25.40 33.51 2.82
C HIS A 482 -25.88 32.41 3.73
N ASP A 483 -25.38 31.20 3.49
CA ASP A 483 -25.58 29.98 4.27
C ASP A 483 -24.21 29.83 4.89
N VAL A 484 -24.03 30.39 6.09
CA VAL A 484 -22.74 30.45 6.77
C VAL A 484 -21.89 31.51 6.00
N SER A 485 -20.99 31.09 5.09
CA SER A 485 -20.14 31.92 4.24
C SER A 485 -20.37 31.60 2.74
N SER A 486 -20.94 30.40 2.43
CA SER A 486 -21.26 30.03 1.06
C SER A 486 -22.46 30.88 0.62
N ALA A 487 -22.35 31.47 -0.55
CA ALA A 487 -23.30 32.46 -1.04
C ALA A 487 -24.42 31.93 -1.96
N ILE A 488 -25.54 32.60 -1.93
CA ILE A 488 -26.70 32.30 -2.74
C ILE A 488 -27.15 33.63 -3.40
N ASN A 489 -27.56 33.58 -4.66
CA ASN A 489 -28.13 34.72 -5.35
C ASN A 489 -29.42 34.23 -6.01
N ARG A 490 -30.55 34.21 -5.25
CA ARG A 490 -31.86 33.78 -5.76
C ARG A 490 -32.33 34.58 -6.98
N PRO A 491 -32.20 35.94 -7.03
CA PRO A 491 -32.59 36.64 -8.26
C PRO A 491 -31.81 36.22 -9.53
N GLN A 492 -30.49 35.87 -9.42
CA GLN A 492 -29.76 35.38 -10.59
C GLN A 492 -30.33 34.04 -11.05
N ILE A 493 -30.81 33.20 -10.11
CA ILE A 493 -31.47 31.94 -10.44
C ILE A 493 -32.85 32.21 -11.10
N GLY A 494 -33.56 33.22 -10.65
CA GLY A 494 -34.83 33.63 -11.24
C GLY A 494 -34.67 34.13 -12.65
N VAL A 495 -33.60 34.88 -12.91
CA VAL A 495 -33.28 35.35 -14.26
C VAL A 495 -33.05 34.09 -15.20
N VAL A 496 -32.34 33.04 -14.70
CA VAL A 496 -32.08 31.81 -15.43
C VAL A 496 -33.38 31.07 -15.73
N ARG A 497 -34.24 30.96 -14.73
CA ARG A 497 -35.55 30.32 -14.85
C ARG A 497 -36.39 30.96 -15.99
N GLU A 498 -36.37 32.30 -16.08
CA GLU A 498 -37.06 33.07 -17.12
C GLU A 498 -36.42 32.83 -18.50
N PHE A 499 -35.09 32.76 -18.54
CA PHE A 499 -34.36 32.47 -19.76
C PHE A 499 -34.74 31.05 -20.29
N LEU A 500 -34.80 30.04 -19.39
CA LEU A 500 -35.12 28.67 -19.75
C LEU A 500 -36.49 28.48 -20.43
N THR A 501 -37.51 29.25 -19.95
CA THR A 501 -38.85 29.19 -20.55
C THR A 501 -38.82 29.64 -22.02
N ARG A 502 -37.95 30.61 -22.35
CA ARG A 502 -37.79 31.19 -23.70
C ARG A 502 -36.76 30.46 -24.55
N ASN A 503 -35.93 29.66 -23.91
CA ASN A 503 -34.86 28.96 -24.59
C ASN A 503 -34.84 27.48 -24.18
N PRO A 504 -35.91 26.74 -24.56
CA PRO A 504 -36.04 25.33 -24.14
C PRO A 504 -34.90 24.39 -24.52
N ALA A 505 -34.10 24.72 -25.55
CA ALA A 505 -32.91 23.89 -25.86
C ALA A 505 -31.94 23.86 -24.67
N TRP A 506 -31.91 24.95 -23.90
CA TRP A 506 -31.06 25.09 -22.73
C TRP A 506 -31.48 24.24 -21.55
N ARG A 507 -32.65 23.52 -21.68
CA ARG A 507 -33.15 22.58 -20.69
C ARG A 507 -32.09 21.54 -20.34
N LYS A 508 -31.24 21.21 -21.29
CA LYS A 508 -30.20 20.20 -21.17
C LYS A 508 -28.89 20.76 -20.55
N ALA A 509 -28.86 22.05 -20.13
CA ALA A 509 -27.66 22.70 -19.60
C ALA A 509 -27.25 22.21 -18.22
N VAL A 510 -25.95 22.32 -17.94
CA VAL A 510 -25.38 22.09 -16.64
C VAL A 510 -25.28 23.45 -16.02
N PHE A 511 -25.77 23.59 -14.78
CA PHE A 511 -25.72 24.83 -14.00
C PHE A 511 -24.39 24.85 -13.24
N ILE A 512 -23.65 25.94 -13.37
CA ILE A 512 -22.35 26.14 -12.72
C ILE A 512 -22.32 27.46 -11.98
N SER A 513 -21.73 27.45 -10.81
CA SER A 513 -21.53 28.63 -9.99
C SER A 513 -20.31 28.41 -9.10
N PRO A 514 -19.72 29.49 -8.56
CA PRO A 514 -18.57 29.31 -7.64
C PRO A 514 -18.97 28.81 -6.22
N TYR A 515 -20.26 28.57 -5.94
CA TYR A 515 -20.73 28.22 -4.59
C TYR A 515 -21.68 27.02 -4.54
N ASN A 516 -21.45 26.10 -3.61
CA ASN A 516 -22.32 24.94 -3.45
C ASN A 516 -23.74 25.31 -3.02
N SER A 517 -23.90 26.32 -2.15
CA SER A 517 -25.23 26.72 -1.68
C SER A 517 -26.04 27.33 -2.81
N GLN A 518 -25.39 28.08 -3.72
CA GLN A 518 -26.06 28.61 -4.91
C GLN A 518 -26.57 27.41 -5.78
N ASN A 519 -25.71 26.40 -5.92
CA ASN A 519 -25.97 25.20 -6.72
C ASN A 519 -27.13 24.39 -6.11
N ALA A 520 -27.19 24.30 -4.77
CA ALA A 520 -28.26 23.60 -4.06
C ALA A 520 -29.61 24.26 -4.36
N VAL A 521 -29.63 25.61 -4.35
CA VAL A 521 -30.85 26.36 -4.65
C VAL A 521 -31.26 26.21 -6.14
N ALA A 522 -30.30 26.37 -7.06
CA ALA A 522 -30.59 26.22 -8.49
C ALA A 522 -31.07 24.80 -8.82
N SER A 523 -30.58 23.78 -8.08
CA SER A 523 -30.97 22.41 -8.33
C SER A 523 -32.47 22.22 -8.07
N LYS A 524 -32.97 22.77 -6.96
CA LYS A 524 -34.37 22.67 -6.63
C LYS A 524 -35.27 23.57 -7.49
N ILE A 525 -34.83 24.80 -7.80
CA ILE A 525 -35.65 25.72 -8.61
C ILE A 525 -35.63 25.42 -10.14
N LEU A 526 -34.46 25.06 -10.67
CA LEU A 526 -34.30 24.82 -12.11
C LEU A 526 -34.39 23.37 -12.50
N GLY A 527 -33.94 22.48 -11.62
CA GLY A 527 -33.88 21.06 -11.90
C GLY A 527 -32.72 20.65 -12.78
N LEU A 528 -31.83 21.59 -13.16
CA LEU A 528 -30.64 21.26 -13.95
C LEU A 528 -29.64 20.53 -13.09
N PRO A 529 -28.79 19.65 -13.69
CA PRO A 529 -27.65 19.12 -12.92
C PRO A 529 -26.71 20.30 -12.62
N THR A 530 -26.05 20.18 -11.51
CA THR A 530 -25.30 21.25 -10.91
C THR A 530 -23.83 20.88 -10.71
N GLN A 531 -22.95 21.88 -10.78
CA GLN A 531 -21.53 21.66 -10.59
C GLN A 531 -20.82 22.94 -10.13
N THR A 532 -19.90 22.87 -9.14
CA THR A 532 -19.15 24.08 -8.76
C THR A 532 -18.12 24.30 -9.87
N VAL A 533 -17.53 25.50 -9.99
CA VAL A 533 -16.48 25.71 -11.00
C VAL A 533 -15.32 24.71 -10.81
N ASP A 534 -14.93 24.53 -9.53
CA ASP A 534 -13.85 23.68 -9.10
C ASP A 534 -14.09 22.21 -9.46
N SER A 535 -15.31 21.70 -9.26
CA SER A 535 -15.56 20.29 -9.60
C SER A 535 -15.84 20.08 -11.11
N SER A 536 -16.12 21.17 -11.89
CA SER A 536 -16.36 21.05 -13.33
C SER A 536 -15.06 20.91 -14.13
N GLN A 537 -13.92 21.35 -13.58
CA GLN A 537 -12.59 21.29 -14.20
C GLN A 537 -12.28 19.89 -14.71
N GLY A 538 -11.95 19.82 -16.00
CA GLY A 538 -11.70 18.57 -16.71
C GLY A 538 -12.91 18.07 -17.50
N SER A 539 -14.13 18.55 -17.15
CA SER A 539 -15.37 18.12 -17.81
C SER A 539 -15.84 19.12 -18.89
N GLU A 540 -16.70 18.64 -19.80
CA GLU A 540 -17.27 19.49 -20.84
C GLU A 540 -18.74 19.16 -21.04
N TYR A 541 -19.51 20.17 -21.39
CA TYR A 541 -20.95 20.06 -21.55
C TYR A 541 -21.34 20.87 -22.75
N ASP A 542 -22.39 20.45 -23.48
CA ASP A 542 -22.89 21.20 -24.64
C ASP A 542 -23.31 22.61 -24.22
N TYR A 543 -24.10 22.72 -23.14
CA TYR A 543 -24.56 24.01 -22.67
C TYR A 543 -24.26 24.21 -21.21
N VAL A 544 -23.85 25.41 -20.86
CA VAL A 544 -23.50 25.76 -19.49
C VAL A 544 -24.26 27.02 -19.12
N ILE A 545 -24.83 27.02 -17.92
CA ILE A 545 -25.45 28.23 -17.39
C ILE A 545 -24.63 28.57 -16.15
N PHE A 546 -23.96 29.73 -16.16
CA PHE A 546 -23.12 30.16 -15.06
C PHE A 546 -23.70 31.38 -14.37
N THR A 547 -23.90 31.31 -13.04
CA THR A 547 -24.29 32.52 -12.28
C THR A 547 -23.07 32.85 -11.41
N GLN A 548 -22.45 34.04 -11.59
CA GLN A 548 -21.30 34.42 -10.79
C GLN A 548 -21.60 34.46 -9.29
N THR A 549 -22.88 34.70 -8.92
CA THR A 549 -23.42 34.75 -7.54
C THR A 549 -23.02 36.02 -6.77
N THR A 550 -21.70 36.28 -6.64
CA THR A 550 -21.15 37.40 -5.90
C THR A 550 -20.03 38.09 -6.71
N GLU A 551 -19.49 39.24 -6.23
CA GLU A 551 -18.31 39.81 -6.86
C GLU A 551 -17.14 39.77 -5.87
N THR A 552 -16.91 38.61 -5.27
CA THR A 552 -15.79 38.43 -4.32
C THR A 552 -14.45 38.08 -5.05
N ALA A 553 -13.34 37.97 -4.32
CA ALA A 553 -12.05 37.54 -4.87
C ALA A 553 -12.20 36.08 -5.43
N HIS A 554 -13.02 35.24 -4.76
CA HIS A 554 -13.30 33.86 -5.16
C HIS A 554 -14.06 33.79 -6.50
N SER A 555 -15.19 34.50 -6.60
CA SER A 555 -15.97 34.45 -7.82
C SER A 555 -15.35 35.28 -8.96
N CYS A 556 -14.38 36.17 -8.65
CA CYS A 556 -13.70 36.95 -9.66
C CYS A 556 -12.35 36.43 -10.04
N ASN A 557 -11.87 35.32 -9.43
CA ASN A 557 -10.57 34.74 -9.74
C ASN A 557 -10.48 34.43 -11.25
N VAL A 558 -9.44 34.94 -11.97
CA VAL A 558 -9.38 34.74 -13.41
C VAL A 558 -9.23 33.27 -13.76
N ASN A 559 -8.55 32.46 -12.93
CA ASN A 559 -8.39 31.03 -13.24
C ASN A 559 -9.73 30.31 -13.15
N ARG A 560 -10.51 30.61 -12.09
CA ARG A 560 -11.84 30.03 -11.89
C ARG A 560 -12.77 30.50 -13.01
N PHE A 561 -12.71 31.79 -13.38
CA PHE A 561 -13.53 32.31 -14.47
C PHE A 561 -13.25 31.59 -15.81
N ASN A 562 -11.96 31.39 -16.08
CA ASN A 562 -11.41 30.67 -17.22
C ASN A 562 -11.99 29.25 -17.25
N VAL A 563 -11.91 28.49 -16.14
CA VAL A 563 -12.46 27.14 -16.09
C VAL A 563 -13.97 27.16 -16.29
N ALA A 564 -14.69 28.07 -15.62
CA ALA A 564 -16.13 28.11 -15.71
C ALA A 564 -16.65 28.23 -17.15
N ILE A 565 -16.13 29.19 -17.93
CA ILE A 565 -16.66 29.42 -19.27
C ILE A 565 -16.09 28.46 -20.31
N THR A 566 -14.91 27.80 -20.06
CA THR A 566 -14.37 26.85 -21.02
C THR A 566 -15.00 25.44 -20.86
N ARG A 567 -16.04 25.26 -20.03
CA ARG A 567 -16.71 23.93 -19.92
C ARG A 567 -17.68 23.68 -21.15
N ALA A 568 -18.12 24.74 -21.79
CA ALA A 568 -19.11 24.72 -22.86
C ALA A 568 -18.60 24.36 -24.27
N LYS A 569 -19.26 23.40 -24.89
CA LYS A 569 -18.97 22.99 -26.27
C LYS A 569 -19.82 23.78 -27.28
N VAL A 570 -21.03 24.16 -26.88
CA VAL A 570 -21.95 24.83 -27.80
C VAL A 570 -22.39 26.22 -27.36
N GLY A 571 -23.01 26.33 -26.19
CA GLY A 571 -23.50 27.61 -25.69
C GLY A 571 -23.26 27.80 -24.22
N ILE A 572 -23.25 29.06 -23.80
CA ILE A 572 -23.09 29.43 -22.41
C ILE A 572 -23.91 30.69 -22.13
N LEU A 573 -24.51 30.73 -20.96
CA LEU A 573 -25.21 31.90 -20.48
C LEU A 573 -24.49 32.30 -19.20
N CYS A 574 -23.95 33.52 -19.12
CA CYS A 574 -23.24 33.98 -17.92
C CYS A 574 -24.02 35.09 -17.30
N ILE A 575 -24.54 34.93 -16.07
CA ILE A 575 -25.24 35.98 -15.35
C ILE A 575 -24.13 36.49 -14.44
N MET A 576 -23.65 37.72 -14.69
CA MET A 576 -22.48 38.31 -14.04
C MET A 576 -22.79 39.34 -13.00
N SER A 577 -21.94 39.36 -11.96
CA SER A 577 -21.99 40.30 -10.86
C SER A 577 -20.89 41.39 -11.04
N ASP A 578 -19.72 40.98 -11.56
CA ASP A 578 -18.55 41.81 -11.74
C ASP A 578 -18.55 42.52 -13.08
N ARG A 579 -18.49 43.87 -13.09
CA ARG A 579 -18.49 44.65 -14.34
C ARG A 579 -17.28 44.36 -15.20
N ASP A 580 -16.12 44.18 -14.56
CA ASP A 580 -14.85 43.89 -15.21
C ASP A 580 -14.94 42.60 -16.08
N LEU A 581 -15.18 41.43 -15.46
CA LEU A 581 -15.30 40.19 -16.20
C LEU A 581 -16.49 40.20 -17.15
N TYR A 582 -17.58 40.91 -16.80
CA TYR A 582 -18.73 41.04 -17.70
C TYR A 582 -18.29 41.72 -19.00
N ASP A 583 -17.55 42.84 -18.88
CA ASP A 583 -17.09 43.59 -20.05
C ASP A 583 -16.10 42.82 -20.89
N LYS A 584 -15.31 41.94 -20.26
CA LYS A 584 -14.34 41.09 -20.93
C LYS A 584 -15.00 39.98 -21.72
N LEU A 585 -16.20 39.50 -21.33
CA LEU A 585 -16.89 38.45 -22.07
C LEU A 585 -17.30 38.92 -23.49
N GLN A 586 -16.78 38.24 -24.51
CA GLN A 586 -17.09 38.58 -25.91
C GLN A 586 -18.33 37.83 -26.33
N PHE A 587 -19.45 38.10 -25.60
CA PHE A 587 -20.72 37.41 -25.78
C PHE A 587 -21.77 38.43 -26.13
N THR A 588 -22.87 37.94 -26.70
CA THR A 588 -24.05 38.71 -27.03
C THR A 588 -24.74 39.05 -25.69
N SER A 589 -24.92 40.33 -25.39
CA SER A 589 -25.57 40.72 -24.15
C SER A 589 -27.11 40.57 -24.25
N LEU A 590 -27.72 40.10 -23.17
CA LEU A 590 -29.16 39.92 -23.07
C LEU A 590 -29.76 40.97 -22.12
N GLU A 591 -31.08 41.26 -22.29
CA GLU A 591 -31.82 42.21 -21.47
C GLU A 591 -32.95 41.53 -20.63
N ILE A 592 -33.23 42.14 -19.43
CA ILE A 592 -34.23 41.87 -18.37
C ILE A 592 -33.62 42.21 -17.01
N VAL B 2 11.45 -6.60 -22.26
CA VAL B 2 12.88 -6.84 -22.44
C VAL B 2 13.62 -6.91 -21.08
N GLY B 3 14.40 -7.98 -20.89
CA GLY B 3 15.09 -8.27 -19.63
C GLY B 3 16.03 -9.46 -19.66
N ALA B 4 16.37 -10.00 -18.50
CA ALA B 4 17.31 -11.12 -18.38
C ALA B 4 16.64 -12.52 -18.30
N CYS B 5 17.32 -13.55 -18.88
CA CYS B 5 16.88 -14.95 -18.91
C CYS B 5 16.85 -15.53 -17.49
N VAL B 6 15.77 -16.21 -17.10
CA VAL B 6 15.70 -16.80 -15.76
C VAL B 6 16.68 -18.01 -15.61
N LEU B 7 17.13 -18.64 -16.71
CA LEU B 7 18.03 -19.80 -16.61
C LEU B 7 19.51 -19.50 -16.86
N CYS B 8 19.72 -18.48 -17.67
CA CYS B 8 21.00 -18.10 -18.25
C CYS B 8 21.52 -16.78 -17.80
N ASN B 9 20.61 -15.85 -17.56
CA ASN B 9 20.87 -14.44 -17.35
C ASN B 9 21.08 -13.69 -18.67
N SER B 10 21.34 -14.41 -19.80
CA SER B 10 21.54 -13.84 -21.14
C SER B 10 20.38 -12.88 -21.49
N GLN B 11 20.70 -11.64 -21.86
CA GLN B 11 19.69 -10.63 -22.17
C GLN B 11 18.67 -11.11 -23.23
N THR B 12 17.43 -10.62 -23.18
CA THR B 12 16.41 -11.05 -24.16
C THR B 12 15.25 -10.13 -24.45
N SER B 13 14.71 -10.23 -25.69
CA SER B 13 13.45 -9.63 -26.07
C SER B 13 12.31 -10.69 -25.89
N LEU B 14 12.58 -11.89 -25.33
CA LEU B 14 11.60 -12.96 -25.24
C LEU B 14 11.13 -13.32 -23.84
N ARG B 15 9.83 -13.57 -23.73
CA ARG B 15 9.15 -14.04 -22.54
C ARG B 15 8.32 -15.19 -22.93
N CYS B 16 8.35 -16.24 -22.10
CA CYS B 16 7.47 -17.36 -22.36
C CYS B 16 6.06 -16.96 -21.97
N GLY B 17 5.13 -17.04 -22.90
CA GLY B 17 3.74 -16.64 -22.73
C GLY B 17 2.79 -17.68 -22.16
N ALA B 18 3.14 -18.99 -22.19
CA ALA B 18 2.31 -20.06 -21.61
C ALA B 18 2.61 -20.24 -20.11
N CYS B 19 3.76 -19.66 -19.64
CA CYS B 19 4.15 -19.63 -18.23
C CYS B 19 3.32 -18.53 -17.62
N ILE B 20 2.74 -18.82 -16.46
CA ILE B 20 1.91 -17.83 -15.79
C ILE B 20 2.75 -16.63 -15.29
N ARG B 21 4.05 -16.85 -14.98
CA ARG B 21 4.92 -15.75 -14.55
C ARG B 21 5.63 -15.03 -15.74
N ARG B 22 5.33 -15.45 -17.02
CA ARG B 22 5.90 -14.89 -18.25
C ARG B 22 7.40 -14.66 -18.13
N PRO B 23 8.18 -15.71 -17.73
CA PRO B 23 9.61 -15.48 -17.48
C PRO B 23 10.38 -15.07 -18.71
N PHE B 24 11.44 -14.23 -18.55
CA PHE B 24 12.29 -13.93 -19.70
C PHE B 24 13.14 -15.16 -19.96
N LEU B 25 13.18 -15.59 -21.22
CA LEU B 25 13.99 -16.72 -21.65
C LEU B 25 14.77 -16.23 -22.90
N CYS B 26 16.09 -16.42 -22.93
CA CYS B 26 16.89 -16.00 -24.09
C CYS B 26 16.52 -16.83 -25.32
N CYS B 27 17.07 -16.49 -26.49
CA CYS B 27 16.83 -17.22 -27.74
C CYS B 27 17.13 -18.72 -27.56
N LYS B 28 18.21 -19.02 -26.83
CA LYS B 28 18.60 -20.39 -26.59
C LYS B 28 17.61 -21.15 -25.68
N CYS B 29 17.40 -20.64 -24.44
CA CYS B 29 16.57 -21.27 -23.41
C CYS B 29 15.08 -21.29 -23.76
N CYS B 30 14.61 -20.28 -24.52
CA CYS B 30 13.23 -20.19 -24.96
C CYS B 30 12.93 -21.37 -25.87
N TYR B 31 13.85 -21.62 -26.81
CA TYR B 31 13.76 -22.72 -27.77
C TYR B 31 13.71 -24.07 -27.02
N ASP B 32 14.70 -24.33 -26.11
CA ASP B 32 14.70 -25.58 -25.35
C ASP B 32 13.44 -25.77 -24.53
N HIS B 33 12.79 -24.66 -24.08
CA HIS B 33 11.54 -24.77 -23.32
C HIS B 33 10.33 -25.09 -24.23
N VAL B 34 10.17 -24.30 -25.33
CA VAL B 34 9.04 -24.48 -26.26
C VAL B 34 9.06 -25.85 -26.91
N ILE B 35 10.25 -26.38 -27.26
CA ILE B 35 10.31 -27.70 -27.91
C ILE B 35 10.07 -28.87 -26.96
N SER B 36 10.37 -28.73 -25.66
CA SER B 36 10.20 -29.85 -24.73
C SER B 36 8.90 -29.85 -23.95
N THR B 37 8.14 -28.73 -23.96
CA THR B 37 6.87 -28.65 -23.22
C THR B 37 5.68 -28.34 -24.15
N SER B 38 4.45 -28.32 -23.58
CA SER B 38 3.28 -27.86 -24.31
C SER B 38 3.31 -26.30 -24.46
N HIS B 39 4.30 -25.60 -23.85
CA HIS B 39 4.38 -24.16 -23.90
C HIS B 39 4.86 -23.68 -25.24
N LYS B 40 3.98 -23.09 -26.08
CA LYS B 40 4.38 -22.62 -27.42
C LYS B 40 4.11 -21.15 -27.68
N LEU B 41 3.46 -20.43 -26.73
CA LEU B 41 3.20 -19.01 -26.95
C LEU B 41 4.38 -18.22 -26.48
N VAL B 42 5.06 -17.54 -27.39
CA VAL B 42 6.21 -16.70 -27.07
C VAL B 42 5.81 -15.22 -27.16
N LEU B 43 6.25 -14.42 -26.20
CA LEU B 43 5.94 -13.00 -26.18
C LEU B 43 7.23 -12.21 -26.31
N SER B 44 7.18 -11.11 -27.05
CA SER B 44 8.32 -10.22 -27.23
C SER B 44 7.76 -8.79 -27.13
N VAL B 45 8.28 -7.82 -27.94
CA VAL B 45 7.68 -6.48 -28.08
C VAL B 45 6.22 -6.68 -28.62
N ASN B 46 6.06 -7.70 -29.50
CA ASN B 46 4.80 -8.17 -30.04
C ASN B 46 4.62 -9.67 -29.64
N PRO B 47 3.37 -10.15 -29.49
CA PRO B 47 3.17 -11.58 -29.26
C PRO B 47 3.45 -12.32 -30.58
N TYR B 48 4.05 -13.49 -30.47
CA TYR B 48 4.38 -14.26 -31.66
C TYR B 48 3.14 -15.01 -31.99
N VAL B 49 2.34 -14.38 -32.83
CA VAL B 49 1.04 -14.89 -33.25
C VAL B 49 0.80 -14.50 -34.72
N CYS B 50 -0.01 -15.29 -35.46
CA CYS B 50 -0.25 -14.96 -36.86
C CYS B 50 -1.06 -13.68 -37.01
N ASN B 51 -0.44 -12.72 -37.67
CA ASN B 51 -0.99 -11.40 -37.97
C ASN B 51 -2.08 -11.41 -39.05
N ALA B 52 -2.27 -12.54 -39.76
CA ALA B 52 -3.30 -12.63 -40.78
C ALA B 52 -4.68 -12.56 -40.12
N PRO B 53 -5.59 -11.74 -40.66
CA PRO B 53 -6.93 -11.60 -40.06
C PRO B 53 -7.67 -12.93 -39.83
N GLY B 54 -8.21 -13.10 -38.62
CA GLY B 54 -8.98 -14.29 -38.26
C GLY B 54 -8.20 -15.58 -38.12
N CYS B 55 -6.86 -15.49 -38.14
CA CYS B 55 -6.05 -16.69 -37.98
C CYS B 55 -5.69 -16.93 -36.52
N ASP B 56 -5.83 -18.19 -36.08
CA ASP B 56 -5.58 -18.54 -34.68
C ASP B 56 -4.23 -19.25 -34.40
N VAL B 57 -3.23 -19.14 -35.29
CA VAL B 57 -1.93 -19.79 -35.04
C VAL B 57 -1.09 -18.99 -34.02
N THR B 58 -0.86 -19.58 -32.83
CA THR B 58 -0.09 -19.00 -31.71
C THR B 58 1.21 -19.79 -31.42
N ASP B 59 1.31 -21.04 -31.90
CA ASP B 59 2.48 -21.93 -31.71
C ASP B 59 3.66 -21.34 -32.46
N VAL B 60 4.71 -20.96 -31.72
CA VAL B 60 5.93 -20.36 -32.25
C VAL B 60 6.68 -21.29 -33.26
N THR B 61 6.50 -22.63 -33.14
CA THR B 61 7.13 -23.59 -34.04
C THR B 61 6.44 -23.59 -35.45
N GLN B 62 5.19 -23.10 -35.54
CA GLN B 62 4.41 -22.96 -36.76
C GLN B 62 4.43 -21.52 -37.30
N LEU B 63 5.29 -20.63 -36.77
CA LEU B 63 5.31 -19.23 -37.19
C LEU B 63 6.63 -18.74 -37.78
N TYR B 64 6.55 -17.69 -38.61
CA TYR B 64 7.63 -17.09 -39.40
C TYR B 64 7.61 -15.57 -39.34
N LEU B 65 8.78 -14.94 -39.46
CA LEU B 65 8.85 -13.49 -39.56
C LEU B 65 8.70 -13.15 -41.06
N GLY B 66 7.56 -12.55 -41.42
CA GLY B 66 7.24 -12.09 -42.78
C GLY B 66 7.44 -10.60 -42.89
N GLY B 67 8.67 -10.20 -43.20
CA GLY B 67 9.04 -8.80 -43.27
C GLY B 67 9.17 -8.23 -41.89
N MET B 68 8.16 -7.48 -41.44
CA MET B 68 8.16 -6.91 -40.10
C MET B 68 7.09 -7.54 -39.17
N SER B 69 6.20 -8.38 -39.75
CA SER B 69 5.10 -9.03 -39.04
C SER B 69 5.29 -10.56 -38.87
N TYR B 70 4.38 -11.25 -38.18
CA TYR B 70 4.51 -12.68 -37.94
C TYR B 70 3.35 -13.42 -38.57
N TYR B 71 3.63 -14.53 -39.27
CA TYR B 71 2.58 -15.32 -39.93
C TYR B 71 2.84 -16.81 -39.80
N CYS B 72 1.82 -17.64 -40.02
CA CYS B 72 1.98 -19.09 -39.99
C CYS B 72 2.41 -19.61 -41.41
N LYS B 73 2.48 -20.95 -41.60
CA LYS B 73 2.83 -21.54 -42.89
C LYS B 73 1.81 -21.11 -43.97
N SER B 74 0.50 -21.09 -43.60
CA SER B 74 -0.62 -20.73 -44.48
C SER B 74 -0.70 -19.27 -44.89
N HIS B 75 -0.07 -18.36 -44.15
CA HIS B 75 -0.20 -16.93 -44.42
C HIS B 75 1.09 -16.18 -44.66
N LYS B 76 2.23 -16.82 -44.47
CA LYS B 76 3.51 -16.15 -44.64
C LYS B 76 3.75 -15.65 -46.06
N PRO B 77 4.47 -14.53 -46.22
CA PRO B 77 4.82 -14.07 -47.58
C PRO B 77 5.98 -14.93 -48.18
N PRO B 78 6.30 -14.78 -49.48
CA PRO B 78 7.38 -15.60 -50.07
C PRO B 78 8.71 -15.50 -49.31
N ILE B 79 9.09 -14.26 -48.92
CA ILE B 79 10.33 -14.03 -48.20
C ILE B 79 10.08 -13.98 -46.68
N SER B 80 10.42 -15.08 -45.98
CA SER B 80 10.25 -15.19 -44.54
C SER B 80 11.20 -16.23 -43.92
N PHE B 81 11.49 -16.08 -42.61
CA PHE B 81 12.30 -17.07 -41.91
C PHE B 81 11.60 -17.58 -40.64
N PRO B 82 11.79 -18.86 -40.29
CA PRO B 82 11.04 -19.40 -39.15
C PRO B 82 11.48 -18.76 -37.85
N LEU B 83 10.51 -18.45 -37.00
CA LEU B 83 10.83 -17.89 -35.67
C LEU B 83 11.57 -18.95 -34.84
N CYS B 84 11.16 -20.20 -34.96
CA CYS B 84 11.69 -21.27 -34.16
C CYS B 84 12.43 -22.34 -34.98
N ALA B 85 13.75 -22.22 -35.07
CA ALA B 85 14.63 -23.14 -35.81
C ALA B 85 16.09 -22.94 -35.38
N ASN B 86 16.98 -23.92 -35.68
CA ASN B 86 18.42 -23.82 -35.40
C ASN B 86 18.75 -23.66 -33.92
N GLY B 87 18.00 -24.29 -33.04
CA GLY B 87 18.23 -24.21 -31.59
C GLY B 87 17.90 -22.90 -30.89
N GLN B 88 17.21 -22.00 -31.60
CA GLN B 88 16.88 -20.70 -31.08
C GLN B 88 15.50 -20.20 -31.51
N VAL B 89 14.93 -19.28 -30.72
CA VAL B 89 13.71 -18.58 -31.05
C VAL B 89 14.16 -17.15 -31.43
N PHE B 90 13.76 -16.64 -32.61
CA PHE B 90 14.14 -15.31 -33.06
C PHE B 90 13.73 -14.23 -32.06
N GLY B 91 14.67 -13.39 -31.66
CA GLY B 91 14.38 -12.31 -30.74
C GLY B 91 15.43 -11.23 -30.80
N LEU B 92 16.00 -10.90 -29.66
CA LEU B 92 17.06 -9.91 -29.55
C LEU B 92 18.23 -10.56 -28.83
N TYR B 93 19.44 -10.01 -29.07
CA TYR B 93 20.66 -10.49 -28.42
C TYR B 93 20.96 -11.96 -28.72
N LYS B 94 20.68 -12.39 -29.97
CA LYS B 94 20.90 -13.78 -30.44
C LYS B 94 22.37 -14.21 -30.39
N ASN B 95 23.28 -13.22 -30.48
CA ASN B 95 24.72 -13.36 -30.42
C ASN B 95 25.22 -13.63 -28.96
N THR B 96 24.53 -13.05 -27.93
CA THR B 96 24.85 -13.25 -26.49
C THR B 96 23.92 -14.26 -25.76
N CYS B 97 23.88 -15.54 -26.22
CA CYS B 97 23.08 -16.64 -25.63
C CYS B 97 24.03 -17.74 -25.20
N VAL B 98 23.94 -18.17 -23.94
CA VAL B 98 24.84 -19.21 -23.44
C VAL B 98 24.17 -20.59 -23.36
N GLY B 99 22.91 -20.59 -22.90
CA GLY B 99 22.10 -21.80 -22.77
C GLY B 99 22.22 -22.50 -21.43
N SER B 100 21.58 -23.65 -21.29
CA SER B 100 21.65 -24.43 -20.06
C SER B 100 21.68 -25.89 -20.42
N ASP B 101 22.63 -26.65 -19.83
CA ASP B 101 22.89 -28.09 -20.07
C ASP B 101 21.67 -29.02 -19.86
N ASN B 102 20.74 -28.64 -18.93
CA ASN B 102 19.50 -29.38 -18.63
C ASN B 102 18.37 -28.50 -18.08
N VAL B 103 17.62 -27.86 -19.00
CA VAL B 103 16.43 -27.03 -18.78
C VAL B 103 15.25 -27.85 -18.13
N THR B 104 15.53 -29.11 -17.75
CA THR B 104 14.63 -30.15 -17.26
C THR B 104 13.88 -29.71 -16.02
N ASP B 105 14.57 -29.05 -15.08
CA ASP B 105 13.99 -28.57 -13.82
C ASP B 105 13.11 -27.34 -14.04
N PHE B 106 13.56 -26.39 -14.91
CA PHE B 106 12.76 -25.20 -15.22
C PHE B 106 11.42 -25.65 -15.87
N ASN B 107 11.46 -26.66 -16.73
CA ASN B 107 10.28 -27.18 -17.40
C ASN B 107 9.32 -27.80 -16.40
N ALA B 108 9.80 -28.57 -15.41
CA ALA B 108 8.92 -29.18 -14.40
C ALA B 108 8.28 -28.12 -13.51
N ILE B 109 9.00 -27.04 -13.17
CA ILE B 109 8.44 -25.97 -12.35
C ILE B 109 7.40 -25.18 -13.14
N ALA B 110 7.69 -24.90 -14.40
CA ALA B 110 6.85 -24.12 -15.33
C ALA B 110 5.50 -24.77 -15.59
N THR B 111 5.44 -26.13 -15.60
CA THR B 111 4.26 -26.92 -15.99
C THR B 111 3.57 -27.73 -14.88
N CYS B 112 4.18 -27.87 -13.68
CA CYS B 112 3.57 -28.64 -12.58
C CYS B 112 2.31 -27.94 -12.02
N ASP B 113 1.43 -28.72 -11.36
CA ASP B 113 0.20 -28.15 -10.81
C ASP B 113 0.28 -27.84 -9.29
N TRP B 114 1.46 -28.08 -8.66
CA TRP B 114 1.76 -27.84 -7.24
C TRP B 114 0.88 -28.66 -6.28
N THR B 115 0.30 -29.78 -6.75
CA THR B 115 -0.52 -30.66 -5.91
C THR B 115 0.31 -31.81 -5.29
N ASN B 116 1.52 -32.07 -5.82
CA ASN B 116 2.41 -33.13 -5.36
C ASN B 116 3.52 -32.56 -4.46
N ALA B 117 3.92 -33.30 -3.43
CA ALA B 117 5.00 -32.88 -2.54
C ALA B 117 6.35 -32.80 -3.28
N GLY B 118 6.51 -33.61 -4.34
CA GLY B 118 7.70 -33.63 -5.20
C GLY B 118 7.93 -32.32 -5.92
N ASP B 119 6.84 -31.54 -6.14
CA ASP B 119 6.89 -30.22 -6.77
C ASP B 119 7.61 -29.23 -5.87
N TYR B 120 7.31 -29.32 -4.56
CA TYR B 120 7.88 -28.51 -3.49
C TYR B 120 9.31 -28.95 -3.19
N ILE B 121 9.62 -30.25 -3.32
CA ILE B 121 10.98 -30.74 -3.12
C ILE B 121 11.90 -30.14 -4.18
N LEU B 122 11.49 -30.16 -5.46
CA LEU B 122 12.22 -29.57 -6.58
C LEU B 122 12.39 -28.05 -6.37
N ALA B 123 11.32 -27.33 -5.98
CA ALA B 123 11.37 -25.88 -5.75
C ALA B 123 12.39 -25.47 -4.64
N ASN B 124 12.83 -26.44 -3.85
CA ASN B 124 13.78 -26.20 -2.77
C ASN B 124 15.14 -26.85 -3.01
N THR B 125 15.26 -27.75 -4.01
CA THR B 125 16.54 -28.39 -4.29
C THR B 125 17.17 -27.83 -5.61
N CYS B 126 16.41 -27.07 -6.42
CA CYS B 126 16.88 -26.47 -7.68
C CYS B 126 17.88 -25.33 -7.42
N THR B 127 18.45 -24.73 -8.50
CA THR B 127 19.36 -23.59 -8.35
C THR B 127 18.64 -22.41 -7.72
N GLU B 128 19.39 -21.46 -7.16
CA GLU B 128 18.81 -20.31 -6.50
C GLU B 128 17.84 -19.54 -7.39
N ARG B 129 18.19 -19.33 -8.67
CA ARG B 129 17.31 -18.59 -9.58
C ARG B 129 15.99 -19.34 -9.88
N LEU B 130 16.07 -20.66 -9.91
CA LEU B 130 14.88 -21.49 -10.08
C LEU B 130 14.07 -21.60 -8.78
N LYS B 131 14.67 -21.35 -7.61
CA LYS B 131 13.94 -21.29 -6.35
C LYS B 131 13.02 -20.05 -6.41
N LEU B 132 13.48 -18.92 -7.01
CA LEU B 132 12.70 -17.70 -7.14
C LEU B 132 11.59 -17.85 -8.19
N PHE B 133 11.92 -18.40 -9.35
CA PHE B 133 10.92 -18.70 -10.36
C PHE B 133 9.84 -19.69 -9.78
N ALA B 134 10.26 -20.77 -9.07
CA ALA B 134 9.32 -21.71 -8.43
C ALA B 134 8.46 -21.02 -7.36
N ALA B 135 9.07 -20.14 -6.51
CA ALA B 135 8.33 -19.40 -5.47
C ALA B 135 7.30 -18.43 -6.04
N GLU B 136 7.66 -17.74 -7.12
CA GLU B 136 6.82 -16.78 -7.81
C GLU B 136 5.65 -17.52 -8.56
N THR B 137 5.96 -18.67 -9.19
CA THR B 137 5.03 -19.49 -9.97
C THR B 137 4.00 -20.13 -9.04
N LEU B 138 4.48 -20.71 -7.92
CA LEU B 138 3.63 -21.35 -6.91
C LEU B 138 2.66 -20.34 -6.33
N LYS B 139 3.15 -19.17 -5.92
CA LYS B 139 2.29 -18.15 -5.32
C LYS B 139 1.26 -17.62 -6.29
N ALA B 140 1.62 -17.44 -7.56
CA ALA B 140 0.65 -17.00 -8.57
C ALA B 140 -0.38 -18.10 -8.78
N THR B 141 0.05 -19.38 -8.80
CA THR B 141 -0.87 -20.49 -8.95
C THR B 141 -1.85 -20.55 -7.77
N GLU B 142 -1.37 -20.39 -6.54
CA GLU B 142 -2.21 -20.36 -5.35
C GLU B 142 -3.24 -19.21 -5.41
N GLU B 143 -2.85 -17.97 -5.80
CA GLU B 143 -3.76 -16.80 -5.87
C GLU B 143 -4.84 -16.98 -6.91
N THR B 144 -4.46 -17.47 -8.10
CA THR B 144 -5.42 -17.72 -9.19
C THR B 144 -6.41 -18.85 -8.81
N PHE B 145 -5.93 -19.83 -8.03
CA PHE B 145 -6.75 -20.91 -7.53
C PHE B 145 -7.86 -20.38 -6.61
N LYS B 146 -7.64 -19.27 -5.88
CA LYS B 146 -8.68 -18.69 -5.03
C LYS B 146 -9.89 -18.27 -5.88
N LEU B 147 -9.65 -17.76 -7.11
CA LEU B 147 -10.67 -17.33 -8.06
C LEU B 147 -11.56 -18.49 -8.54
N SER B 148 -11.08 -19.75 -8.39
CA SER B 148 -11.83 -20.95 -8.78
C SER B 148 -13.06 -21.15 -7.91
N TYR B 149 -13.00 -20.72 -6.64
CA TYR B 149 -14.10 -20.87 -5.71
C TYR B 149 -15.29 -19.96 -6.02
N GLY B 150 -16.47 -20.46 -5.71
CA GLY B 150 -17.70 -19.72 -5.92
C GLY B 150 -17.95 -18.69 -4.85
N ILE B 151 -18.63 -17.59 -5.22
CA ILE B 151 -19.02 -16.48 -4.35
C ILE B 151 -20.11 -16.93 -3.36
N ALA B 152 -19.99 -16.51 -2.08
CA ALA B 152 -20.99 -16.82 -1.06
C ALA B 152 -21.82 -15.55 -0.78
N THR B 153 -23.14 -15.60 -0.94
CA THR B 153 -24.01 -14.45 -0.73
C THR B 153 -24.88 -14.70 0.50
N VAL B 154 -25.05 -13.66 1.35
CA VAL B 154 -25.91 -13.70 2.54
C VAL B 154 -27.35 -13.84 2.03
N ARG B 155 -28.01 -14.94 2.43
CA ARG B 155 -29.38 -15.22 2.00
C ARG B 155 -30.39 -14.79 3.09
N GLU B 156 -30.00 -14.93 4.35
CA GLU B 156 -30.87 -14.63 5.47
C GLU B 156 -29.99 -14.49 6.67
N VAL B 157 -30.00 -13.34 7.34
CA VAL B 157 -29.19 -13.16 8.55
C VAL B 157 -29.91 -13.81 9.73
N LEU B 158 -29.77 -15.14 9.86
CA LEU B 158 -30.41 -16.00 10.87
C LEU B 158 -30.52 -15.35 12.27
N SER B 159 -29.38 -14.93 12.80
CA SER B 159 -29.24 -14.26 14.09
C SER B 159 -27.88 -13.54 14.04
N ASP B 160 -27.37 -13.11 15.20
CA ASP B 160 -26.05 -12.52 15.26
C ASP B 160 -25.04 -13.67 15.24
N ARG B 161 -23.89 -13.46 14.59
CA ARG B 161 -22.81 -14.45 14.44
C ARG B 161 -23.20 -15.68 13.56
N GLU B 162 -24.48 -15.79 13.15
CA GLU B 162 -24.90 -16.93 12.32
C GLU B 162 -25.65 -16.51 11.04
N LEU B 163 -25.21 -17.04 9.89
CA LEU B 163 -25.72 -16.73 8.57
C LEU B 163 -26.24 -17.93 7.80
N HIS B 164 -27.10 -17.68 6.80
CA HIS B 164 -27.58 -18.70 5.89
C HIS B 164 -26.98 -18.30 4.56
N LEU B 165 -25.92 -19.01 4.11
CA LEU B 165 -25.26 -18.64 2.87
C LEU B 165 -25.82 -19.31 1.59
N SER B 166 -25.69 -18.60 0.46
CA SER B 166 -26.09 -19.02 -0.88
C SER B 166 -24.83 -19.08 -1.76
N TRP B 167 -24.52 -20.23 -2.36
CA TRP B 167 -23.28 -20.40 -3.14
C TRP B 167 -23.45 -20.32 -4.65
N GLU B 168 -22.40 -19.89 -5.34
CA GLU B 168 -22.39 -19.76 -6.79
C GLU B 168 -22.43 -21.15 -7.45
N VAL B 169 -23.25 -21.30 -8.49
CA VAL B 169 -23.38 -22.55 -9.21
C VAL B 169 -22.27 -22.67 -10.27
N GLY B 170 -21.78 -23.89 -10.47
CA GLY B 170 -20.73 -24.13 -11.45
C GLY B 170 -19.31 -23.95 -10.92
N LYS B 171 -19.16 -23.60 -9.64
CA LYS B 171 -17.85 -23.40 -9.01
C LYS B 171 -17.83 -24.07 -7.64
N PRO B 172 -16.72 -24.74 -7.28
CA PRO B 172 -16.66 -25.41 -5.97
C PRO B 172 -16.70 -24.43 -4.80
N ARG B 173 -17.02 -24.95 -3.61
CA ARG B 173 -17.07 -24.13 -2.41
C ARG B 173 -15.84 -24.37 -1.56
N PRO B 174 -15.19 -23.30 -1.12
CA PRO B 174 -13.97 -23.46 -0.31
C PRO B 174 -14.20 -24.04 1.08
N PRO B 175 -13.18 -24.73 1.65
CA PRO B 175 -13.33 -25.28 3.01
C PRO B 175 -13.61 -24.18 4.04
N LEU B 176 -14.52 -24.44 4.99
CA LEU B 176 -14.88 -23.42 5.98
C LEU B 176 -14.13 -23.55 7.31
N ASN B 177 -12.84 -23.17 7.30
CA ASN B 177 -11.94 -23.14 8.46
C ASN B 177 -11.13 -21.84 8.53
N ARG B 178 -10.46 -21.56 9.67
CA ARG B 178 -9.68 -20.35 9.90
C ARG B 178 -8.67 -20.05 8.80
N ASN B 179 -8.15 -21.10 8.12
CA ASN B 179 -7.18 -20.93 7.03
C ASN B 179 -7.76 -20.19 5.82
N TYR B 180 -9.09 -20.18 5.67
CA TYR B 180 -9.72 -19.48 4.57
C TYR B 180 -10.36 -18.15 5.04
N VAL B 181 -9.67 -17.03 4.77
CA VAL B 181 -10.14 -15.69 5.15
C VAL B 181 -10.82 -14.96 3.94
N PHE B 182 -12.13 -14.73 4.07
CA PHE B 182 -12.98 -14.08 3.06
C PHE B 182 -12.93 -12.58 3.18
N THR B 183 -13.57 -11.89 2.26
CA THR B 183 -13.71 -10.46 2.31
C THR B 183 -15.13 -10.17 1.95
N GLY B 184 -15.84 -9.52 2.83
CA GLY B 184 -17.22 -9.15 2.58
C GLY B 184 -17.29 -7.91 1.71
N TYR B 185 -18.36 -7.77 0.95
CA TYR B 185 -18.62 -6.64 0.07
C TYR B 185 -20.11 -6.27 0.13
N ARG B 186 -20.43 -4.96 0.14
CA ARG B 186 -21.83 -4.50 0.11
C ARG B 186 -22.21 -4.01 -1.31
N VAL B 187 -23.40 -4.39 -1.80
CA VAL B 187 -23.81 -4.07 -3.17
C VAL B 187 -24.16 -2.60 -3.36
N THR B 188 -23.18 -1.77 -3.79
CA THR B 188 -23.39 -0.32 -4.02
C THR B 188 -24.17 -0.04 -5.33
N LYS B 189 -24.56 1.24 -5.57
CA LYS B 189 -25.28 1.67 -6.75
C LYS B 189 -24.74 1.07 -8.08
N ASN B 190 -23.44 1.29 -8.41
CA ASN B 190 -22.85 0.75 -9.64
C ASN B 190 -21.51 0.01 -9.41
N SER B 191 -21.29 -0.49 -8.17
CA SER B 191 -20.09 -1.28 -7.80
C SER B 191 -20.27 -1.98 -6.42
N LYS B 192 -19.18 -2.39 -5.76
CA LYS B 192 -19.21 -3.04 -4.46
C LYS B 192 -18.24 -2.33 -3.51
N VAL B 193 -18.56 -2.31 -2.21
CA VAL B 193 -17.68 -1.66 -1.22
C VAL B 193 -17.15 -2.71 -0.22
N GLN B 194 -15.81 -2.69 0.07
CA GLN B 194 -15.20 -3.62 1.03
C GLN B 194 -15.85 -3.42 2.41
N ILE B 195 -16.25 -4.53 3.06
CA ILE B 195 -16.92 -4.51 4.35
C ILE B 195 -16.18 -5.38 5.40
N GLY B 196 -14.86 -5.55 5.21
CA GLY B 196 -14.01 -6.28 6.15
C GLY B 196 -13.70 -7.70 5.77
N GLU B 197 -12.74 -8.33 6.47
CA GLU B 197 -12.38 -9.72 6.22
C GLU B 197 -13.18 -10.66 7.15
N TYR B 198 -13.46 -11.91 6.73
CA TYR B 198 -14.30 -12.83 7.51
C TYR B 198 -13.90 -14.27 7.39
N THR B 199 -13.86 -15.02 8.49
CA THR B 199 -13.70 -16.48 8.41
C THR B 199 -15.05 -17.13 8.76
N PHE B 200 -15.23 -18.40 8.41
CA PHE B 200 -16.48 -19.11 8.70
C PHE B 200 -16.21 -20.52 9.33
N GLU B 201 -17.26 -21.14 9.88
CA GLU B 201 -17.29 -22.48 10.49
C GLU B 201 -18.77 -22.99 10.41
N LYS B 202 -19.03 -24.32 10.34
CA LYS B 202 -20.41 -24.84 10.20
C LYS B 202 -21.33 -24.51 11.41
N GLY B 203 -22.65 -24.51 11.19
CA GLY B 203 -23.61 -24.24 12.26
C GLY B 203 -24.54 -25.39 12.61
N ALA B 208 -25.95 -22.52 6.15
CA ALA B 208 -26.14 -22.58 7.60
C ALA B 208 -24.76 -22.51 8.28
N VAL B 209 -24.19 -21.30 8.32
CA VAL B 209 -22.82 -21.05 8.81
C VAL B 209 -22.72 -20.12 10.03
N VAL B 210 -21.51 -20.05 10.67
CA VAL B 210 -21.09 -19.24 11.81
C VAL B 210 -19.90 -18.32 11.41
N TYR B 211 -20.06 -16.98 11.48
CA TYR B 211 -18.99 -16.08 11.04
C TYR B 211 -18.15 -15.49 12.14
N ARG B 212 -16.87 -15.24 11.85
CA ARG B 212 -15.93 -14.60 12.76
C ARG B 212 -15.33 -13.41 12.00
N GLY B 213 -15.98 -12.26 12.11
CA GLY B 213 -15.60 -11.06 11.37
C GLY B 213 -14.46 -10.23 11.90
N THR B 214 -13.53 -9.83 10.99
CA THR B 214 -12.37 -8.94 11.21
C THR B 214 -12.78 -7.45 11.18
N THR B 215 -14.03 -7.19 11.68
CA THR B 215 -14.77 -5.95 11.85
C THR B 215 -16.19 -6.27 12.34
N THR B 216 -16.81 -5.30 13.02
CA THR B 216 -18.20 -5.44 13.45
C THR B 216 -19.06 -4.68 12.45
N TYR B 217 -19.99 -5.38 11.79
CA TYR B 217 -20.88 -4.77 10.80
C TYR B 217 -22.25 -5.40 10.86
N LYS B 218 -23.30 -4.60 10.62
CA LYS B 218 -24.66 -5.12 10.60
C LYS B 218 -24.87 -5.68 9.21
N LEU B 219 -24.21 -6.81 8.88
CA LEU B 219 -24.33 -7.39 7.57
C LEU B 219 -25.75 -7.85 7.29
N ASN B 220 -26.24 -7.46 6.13
CA ASN B 220 -27.60 -7.78 5.71
C ASN B 220 -27.57 -8.62 4.43
N VAL B 221 -28.72 -9.16 4.05
CA VAL B 221 -28.91 -9.97 2.86
C VAL B 221 -28.32 -9.30 1.59
N GLY B 222 -27.76 -10.10 0.67
CA GLY B 222 -27.19 -9.58 -0.56
C GLY B 222 -25.70 -9.39 -0.50
N ASP B 223 -25.15 -9.14 0.71
CA ASP B 223 -23.72 -8.97 0.95
C ASP B 223 -23.02 -10.26 0.55
N TYR B 224 -21.87 -10.14 -0.12
CA TYR B 224 -21.18 -11.36 -0.55
C TYR B 224 -19.74 -11.45 -0.03
N PHE B 225 -19.15 -12.64 -0.10
CA PHE B 225 -17.81 -12.88 0.42
C PHE B 225 -16.95 -13.59 -0.61
N VAL B 226 -15.72 -13.15 -0.77
CA VAL B 226 -14.78 -13.76 -1.71
C VAL B 226 -13.41 -13.85 -1.03
N LEU B 227 -12.68 -14.96 -1.20
CA LEU B 227 -11.33 -15.10 -0.65
C LEU B 227 -10.42 -14.08 -1.31
N THR B 228 -9.90 -13.10 -0.56
CA THR B 228 -9.07 -12.06 -1.19
C THR B 228 -7.76 -12.61 -1.68
N SER B 229 -7.44 -12.30 -2.92
CA SER B 229 -6.17 -12.67 -3.50
C SER B 229 -5.47 -11.43 -4.01
N HIS B 230 -4.16 -11.44 -3.92
CA HIS B 230 -3.38 -10.30 -4.31
C HIS B 230 -2.42 -10.58 -5.44
N THR B 231 -2.05 -9.49 -6.13
CA THR B 231 -1.11 -9.49 -7.25
C THR B 231 0.23 -9.97 -6.74
N VAL B 232 0.77 -11.05 -7.36
CA VAL B 232 2.06 -11.61 -6.98
C VAL B 232 3.13 -10.81 -7.70
N MET B 233 3.99 -10.15 -6.94
CA MET B 233 5.07 -9.35 -7.49
C MET B 233 6.27 -10.21 -7.85
N PRO B 234 7.08 -9.78 -8.83
CA PRO B 234 8.29 -10.56 -9.19
C PRO B 234 9.36 -10.53 -8.08
N LEU B 235 10.19 -11.59 -8.06
CA LEU B 235 11.24 -11.75 -7.08
C LEU B 235 12.56 -11.38 -7.73
N SER B 236 13.50 -10.82 -6.94
CA SER B 236 14.78 -10.40 -7.50
C SER B 236 15.97 -10.85 -6.64
N ALA B 237 15.81 -10.83 -5.31
CA ALA B 237 16.84 -11.22 -4.35
C ALA B 237 16.86 -12.73 -4.06
N PRO B 238 18.03 -13.32 -3.71
CA PRO B 238 18.04 -14.74 -3.33
C PRO B 238 17.27 -15.02 -2.02
N THR B 239 16.93 -16.28 -1.73
CA THR B 239 16.26 -16.65 -0.48
C THR B 239 17.20 -16.49 0.72
N LEU B 240 18.52 -16.74 0.46
CA LEU B 240 19.63 -16.56 1.39
C LEU B 240 20.73 -15.84 0.65
N VAL B 241 21.28 -14.80 1.27
CA VAL B 241 22.45 -14.12 0.74
C VAL B 241 23.66 -15.07 0.92
N PRO B 242 24.80 -14.82 0.24
CA PRO B 242 25.97 -15.71 0.44
C PRO B 242 26.48 -15.59 1.89
N GLN B 243 26.73 -16.75 2.52
CA GLN B 243 27.24 -16.80 3.87
C GLN B 243 28.66 -16.23 3.96
N GLU B 244 29.00 -15.57 5.08
CA GLU B 244 30.34 -15.08 5.39
C GLU B 244 30.60 -15.36 6.86
N HIS B 245 31.75 -15.92 7.18
CA HIS B 245 32.15 -16.13 8.58
C HIS B 245 33.26 -15.17 8.90
N TYR B 246 33.23 -14.60 10.08
CA TYR B 246 34.18 -13.59 10.50
C TYR B 246 34.98 -14.06 11.71
N VAL B 247 36.18 -13.54 11.86
CA VAL B 247 37.05 -13.89 12.97
C VAL B 247 36.74 -13.01 14.22
N ARG B 248 36.02 -11.90 14.04
CA ARG B 248 35.63 -10.97 15.07
C ARG B 248 34.18 -10.57 14.85
N ILE B 249 33.54 -10.00 15.90
CA ILE B 249 32.17 -9.44 15.80
C ILE B 249 32.29 -8.23 14.87
N THR B 250 31.49 -8.22 13.81
CA THR B 250 31.62 -7.22 12.78
C THR B 250 30.49 -6.20 12.76
N GLY B 251 30.83 -4.91 12.87
CA GLY B 251 29.86 -3.81 12.79
C GLY B 251 28.88 -3.67 13.94
N LEU B 252 29.09 -4.48 14.98
CA LEU B 252 28.25 -4.48 16.14
C LEU B 252 29.15 -4.27 17.36
N TYR B 253 28.60 -3.57 18.37
CA TYR B 253 29.40 -3.23 19.54
C TYR B 253 28.73 -3.77 20.81
N PRO B 254 29.33 -4.82 21.40
CA PRO B 254 28.70 -5.46 22.55
C PRO B 254 28.71 -4.63 23.82
N THR B 255 27.68 -4.86 24.62
CA THR B 255 27.53 -4.16 25.88
C THR B 255 28.56 -4.68 26.87
N LEU B 256 28.91 -3.86 27.88
CA LEU B 256 29.83 -4.31 28.93
C LEU B 256 29.05 -4.86 30.12
N ASN B 257 27.81 -4.38 30.32
CA ASN B 257 26.92 -4.80 31.37
C ASN B 257 25.69 -5.39 30.77
N ILE B 258 25.45 -6.65 31.06
CA ILE B 258 24.22 -7.32 30.63
C ILE B 258 23.46 -7.85 31.86
N SER B 259 22.16 -7.98 31.71
CA SER B 259 21.27 -8.52 32.71
C SER B 259 21.48 -10.06 32.79
N ASP B 260 21.37 -10.67 33.99
CA ASP B 260 21.45 -12.13 34.15
C ASP B 260 20.27 -12.88 33.48
N GLU B 261 19.23 -12.13 33.07
CA GLU B 261 18.12 -12.65 32.32
C GLU B 261 18.59 -13.01 30.89
N PHE B 262 19.67 -12.37 30.36
CA PHE B 262 20.19 -12.63 29.00
C PHE B 262 21.55 -13.24 28.93
N SER B 263 22.20 -13.49 30.07
CA SER B 263 23.53 -14.06 30.12
C SER B 263 23.62 -15.42 29.45
N SER B 264 22.53 -16.20 29.46
CA SER B 264 22.53 -17.51 28.82
C SER B 264 22.72 -17.42 27.30
N ASN B 265 22.36 -16.29 26.71
CA ASN B 265 22.46 -16.12 25.25
C ASN B 265 23.70 -15.33 24.81
N VAL B 266 24.58 -14.89 25.73
CA VAL B 266 25.74 -14.08 25.35
C VAL B 266 26.63 -14.76 24.29
N ALA B 267 26.99 -16.05 24.45
CA ALA B 267 27.82 -16.75 23.46
C ALA B 267 27.15 -16.74 22.07
N ASN B 268 25.85 -17.03 21.99
CA ASN B 268 25.10 -17.00 20.72
C ASN B 268 24.96 -15.60 20.13
N TYR B 269 24.88 -14.56 20.97
CA TYR B 269 24.84 -13.16 20.52
C TYR B 269 26.15 -12.82 19.85
N GLN B 270 27.27 -13.34 20.37
CA GLN B 270 28.59 -13.13 19.77
C GLN B 270 28.66 -13.87 18.44
N LYS B 271 28.10 -15.10 18.38
CA LYS B 271 28.03 -15.91 17.16
C LYS B 271 27.27 -15.14 16.07
N VAL B 272 26.19 -14.45 16.46
CA VAL B 272 25.38 -13.61 15.57
C VAL B 272 26.24 -12.53 14.87
N GLY B 273 27.14 -11.90 15.62
CA GLY B 273 28.01 -10.85 15.10
C GLY B 273 29.21 -11.37 14.32
N MET B 274 29.47 -12.68 14.36
CA MET B 274 30.60 -13.31 13.67
C MET B 274 30.24 -14.09 12.36
N GLN B 275 29.04 -13.93 11.83
CA GLN B 275 28.65 -14.49 10.52
C GLN B 275 27.58 -13.62 9.89
N LYS B 276 27.48 -13.62 8.55
CA LYS B 276 26.54 -12.77 7.84
C LYS B 276 25.10 -13.15 8.23
N TYR B 277 24.82 -14.45 8.38
CA TYR B 277 23.52 -14.89 8.80
C TYR B 277 23.64 -16.11 9.72
N SER B 278 22.65 -16.24 10.62
CA SER B 278 22.65 -17.34 11.53
C SER B 278 21.27 -17.89 11.74
N THR B 279 21.18 -19.20 11.95
CA THR B 279 19.92 -19.86 12.16
C THR B 279 19.81 -20.25 13.62
N LEU B 280 18.64 -20.01 14.20
CA LEU B 280 18.40 -20.35 15.60
C LEU B 280 17.18 -21.28 15.69
N GLN B 281 17.41 -22.54 16.11
CA GLN B 281 16.33 -23.45 16.35
C GLN B 281 15.91 -23.34 17.83
N GLY B 282 14.68 -22.91 18.03
CA GLY B 282 14.12 -22.77 19.35
C GLY B 282 12.87 -23.62 19.53
N PRO B 283 13.01 -24.82 20.11
CA PRO B 283 11.84 -25.64 20.41
C PRO B 283 10.76 -24.91 21.23
N PRO B 284 9.58 -25.50 21.45
CA PRO B 284 8.56 -24.82 22.26
C PRO B 284 9.05 -24.38 23.63
N GLY B 285 8.74 -23.14 24.01
CA GLY B 285 9.04 -22.60 25.35
C GLY B 285 10.50 -22.49 25.74
N THR B 286 11.40 -22.40 24.75
CA THR B 286 12.85 -22.30 25.01
C THR B 286 13.34 -20.85 25.06
N GLY B 287 12.50 -19.86 24.62
CA GLY B 287 12.82 -18.44 24.71
C GLY B 287 13.24 -17.70 23.46
N LYS B 288 12.57 -17.97 22.36
CA LYS B 288 12.82 -17.33 21.10
C LYS B 288 12.68 -15.77 21.12
N SER B 289 11.53 -15.21 21.55
CA SER B 289 11.40 -13.73 21.56
C SER B 289 12.30 -13.11 22.64
N HIS B 290 12.59 -13.83 23.74
CA HIS B 290 13.53 -13.39 24.77
C HIS B 290 14.93 -13.26 24.12
N PHE B 291 15.34 -14.24 23.31
CA PHE B 291 16.60 -14.21 22.56
C PHE B 291 16.60 -13.02 21.62
N ALA B 292 15.54 -12.89 20.82
CA ALA B 292 15.43 -11.80 19.87
C ALA B 292 15.55 -10.41 20.51
N ILE B 293 14.81 -10.15 21.63
CA ILE B 293 14.86 -8.83 22.26
C ILE B 293 16.20 -8.59 22.99
N GLY B 294 16.74 -9.64 23.58
CA GLY B 294 18.03 -9.59 24.27
C GLY B 294 19.21 -9.25 23.37
N LEU B 295 19.09 -9.58 22.08
CA LEU B 295 20.09 -9.26 21.08
C LEU B 295 20.22 -7.71 21.00
N ALA B 296 19.09 -6.97 21.17
CA ALA B 296 19.06 -5.50 21.18
C ALA B 296 19.79 -4.93 22.38
N LEU B 297 19.62 -5.57 23.53
CA LEU B 297 20.30 -5.16 24.74
C LEU B 297 21.81 -5.51 24.70
N TYR B 298 22.18 -6.59 23.96
CA TYR B 298 23.56 -6.98 23.85
C TYR B 298 24.31 -6.09 22.88
N TYR B 299 23.66 -5.61 21.79
CA TYR B 299 24.28 -4.67 20.84
C TYR B 299 23.42 -3.39 20.91
N PRO B 300 23.60 -2.62 22.00
CA PRO B 300 22.67 -1.51 22.29
C PRO B 300 22.54 -0.39 21.27
N SER B 301 23.57 -0.13 20.48
CA SER B 301 23.52 0.93 19.46
C SER B 301 23.01 0.42 18.09
N ALA B 302 22.98 -0.93 17.89
CA ALA B 302 22.58 -1.57 16.64
C ALA B 302 21.13 -1.30 16.27
N ARG B 303 20.88 -0.93 15.02
CA ARG B 303 19.54 -0.74 14.48
C ARG B 303 19.01 -2.14 14.07
N ILE B 304 17.87 -2.56 14.66
CA ILE B 304 17.33 -3.89 14.37
C ILE B 304 15.94 -3.85 13.78
N VAL B 305 15.76 -4.59 12.66
CA VAL B 305 14.46 -4.75 12.06
C VAL B 305 13.97 -6.15 12.44
N TYR B 306 12.85 -6.20 13.17
CA TYR B 306 12.20 -7.42 13.61
C TYR B 306 11.07 -7.68 12.65
N THR B 307 11.12 -8.84 11.99
CA THR B 307 10.13 -9.21 10.99
C THR B 307 9.67 -10.65 11.19
N ALA B 308 8.50 -10.95 10.63
CA ALA B 308 7.84 -12.27 10.61
C ALA B 308 6.70 -12.22 9.58
N CYS B 309 6.18 -13.38 9.16
CA CYS B 309 5.10 -13.40 8.15
C CYS B 309 3.78 -12.84 8.69
N SER B 310 3.42 -13.25 9.91
CA SER B 310 2.13 -12.86 10.48
C SER B 310 2.17 -11.63 11.38
N HIS B 311 1.02 -10.93 11.46
CA HIS B 311 0.86 -9.81 12.37
C HIS B 311 0.96 -10.31 13.80
N ALA B 312 0.43 -11.53 14.13
CA ALA B 312 0.56 -12.08 15.49
C ALA B 312 2.03 -12.34 15.88
N ALA B 313 2.87 -12.86 14.95
CA ALA B 313 4.27 -13.11 15.28
C ALA B 313 5.02 -11.80 15.53
N VAL B 314 4.74 -10.80 14.70
CA VAL B 314 5.35 -9.48 14.89
C VAL B 314 4.88 -8.84 16.23
N ASP B 315 3.57 -8.88 16.49
CA ASP B 315 2.98 -8.34 17.73
C ASP B 315 3.61 -8.99 18.97
N ALA B 316 3.92 -10.28 18.93
CA ALA B 316 4.53 -10.97 20.07
C ALA B 316 5.99 -10.46 20.28
N LEU B 317 6.68 -10.06 19.20
CA LEU B 317 8.01 -9.48 19.33
C LEU B 317 7.87 -8.06 19.97
N CYS B 318 6.85 -7.28 19.54
CA CYS B 318 6.51 -5.97 20.11
C CYS B 318 6.22 -6.11 21.61
N GLU B 319 5.43 -7.13 22.00
CA GLU B 319 5.10 -7.33 23.40
C GLU B 319 6.33 -7.59 24.27
N LYS B 320 7.25 -8.45 23.81
CA LYS B 320 8.50 -8.73 24.52
C LYS B 320 9.41 -7.50 24.51
N ALA B 321 9.40 -6.69 23.44
CA ALA B 321 10.19 -5.44 23.34
C ALA B 321 9.69 -4.35 24.28
N LEU B 322 8.37 -4.24 24.46
CA LEU B 322 7.72 -3.28 25.34
C LEU B 322 8.25 -3.40 26.79
N LYS B 323 8.53 -4.64 27.22
CA LYS B 323 9.05 -5.08 28.51
C LYS B 323 10.56 -4.82 28.70
N TYR B 324 11.37 -4.69 27.61
CA TYR B 324 12.82 -4.51 27.78
C TYR B 324 13.47 -3.34 27.05
N LEU B 325 12.85 -2.83 26.00
CA LEU B 325 13.44 -1.81 25.17
C LEU B 325 12.76 -0.46 25.37
N PRO B 326 13.49 0.64 25.14
CA PRO B 326 12.86 1.96 25.27
C PRO B 326 11.76 2.13 24.23
N ILE B 327 10.52 2.39 24.67
CA ILE B 327 9.36 2.53 23.78
C ILE B 327 9.56 3.65 22.73
N ASP B 328 10.33 4.69 23.05
CA ASP B 328 10.56 5.79 22.10
C ASP B 328 11.53 5.44 20.98
N LYS B 329 12.27 4.30 21.12
CA LYS B 329 13.20 3.76 20.13
C LYS B 329 12.55 2.71 19.21
N CYS B 330 11.23 2.44 19.37
CA CYS B 330 10.43 1.43 18.67
C CYS B 330 9.35 2.01 17.74
N SER B 331 9.13 1.31 16.62
CA SER B 331 8.07 1.63 15.70
C SER B 331 7.39 0.39 15.08
N ARG B 332 6.06 0.36 15.08
CA ARG B 332 5.31 -0.73 14.46
C ARG B 332 4.87 -0.25 13.08
N ILE B 333 5.41 -0.89 12.00
CA ILE B 333 5.06 -0.53 10.62
C ILE B 333 3.76 -1.24 10.26
N ILE B 334 2.76 -0.46 9.90
CA ILE B 334 1.41 -0.92 9.58
C ILE B 334 1.05 -0.50 8.20
N PRO B 335 0.72 -1.49 7.32
CA PRO B 335 0.30 -1.15 5.95
C PRO B 335 -1.04 -0.40 5.98
N ALA B 336 -1.11 0.79 5.37
CA ALA B 336 -2.37 1.56 5.36
C ALA B 336 -3.43 0.84 4.56
N VAL B 340 -6.98 -5.49 9.67
CA VAL B 340 -6.37 -6.23 10.78
C VAL B 340 -5.92 -5.32 11.93
N GLU B 341 -6.26 -5.70 13.17
CA GLU B 341 -5.82 -4.95 14.32
C GLU B 341 -4.56 -5.56 14.90
N CYS B 342 -3.55 -4.73 15.07
CA CYS B 342 -2.28 -5.17 15.60
C CYS B 342 -1.76 -4.17 16.66
N PHE B 343 -0.63 -4.50 17.30
CA PHE B 343 0.05 -3.76 18.33
C PHE B 343 -0.02 -2.22 18.20
N ASP B 344 -0.68 -1.52 19.17
CA ASP B 344 -0.81 -0.05 19.08
C ASP B 344 -0.04 0.73 20.16
N LYS B 345 1.02 0.15 20.72
CA LYS B 345 1.77 0.87 21.75
C LYS B 345 3.02 1.63 21.23
N PHE B 346 3.52 1.31 20.02
CA PHE B 346 4.68 2.03 19.47
C PHE B 346 4.23 3.11 18.50
N LYS B 347 5.11 4.09 18.17
CA LYS B 347 4.77 5.07 17.14
C LYS B 347 4.63 4.35 15.79
N VAL B 348 3.58 4.66 15.02
CA VAL B 348 3.30 3.93 13.78
C VAL B 348 3.97 4.50 12.53
N ASN B 349 4.58 3.59 11.74
CA ASN B 349 5.19 3.86 10.43
C ASN B 349 6.38 4.80 10.47
N SER B 350 7.16 4.74 11.54
CA SER B 350 8.38 5.53 11.64
C SER B 350 9.51 4.59 11.26
N THR B 351 9.74 4.47 9.96
CA THR B 351 10.74 3.62 9.28
C THR B 351 12.17 3.82 9.83
N LEU B 352 12.49 5.01 10.34
CA LEU B 352 13.84 5.29 10.83
C LEU B 352 14.10 5.09 12.33
N GLU B 353 13.12 4.54 13.06
CA GLU B 353 13.29 4.26 14.47
C GLU B 353 14.37 3.16 14.63
N GLN B 354 15.10 3.15 15.75
CA GLN B 354 16.14 2.13 15.97
C GLN B 354 15.60 0.69 15.90
N TYR B 355 14.39 0.45 16.45
CA TYR B 355 13.75 -0.86 16.47
C TYR B 355 12.51 -0.78 15.64
N VAL B 356 12.46 -1.53 14.55
CA VAL B 356 11.34 -1.50 13.63
C VAL B 356 10.70 -2.87 13.58
N PHE B 357 9.41 -2.95 13.84
CA PHE B 357 8.69 -4.22 13.87
C PHE B 357 7.71 -4.17 12.73
N CYS B 358 7.80 -5.13 11.82
CA CYS B 358 7.01 -5.09 10.60
C CYS B 358 6.80 -6.50 10.01
N THR B 359 5.61 -6.78 9.43
CA THR B 359 5.42 -8.07 8.76
C THR B 359 6.26 -8.04 7.42
N VAL B 360 6.65 -9.22 6.91
CA VAL B 360 7.41 -9.31 5.65
C VAL B 360 6.73 -8.54 4.51
N ASN B 361 5.41 -8.74 4.29
CA ASN B 361 4.65 -8.15 3.17
C ASN B 361 4.59 -6.61 3.21
N ALA B 362 4.89 -6.00 4.37
CA ALA B 362 4.86 -4.55 4.57
C ALA B 362 6.25 -3.88 4.72
N LEU B 363 7.32 -4.66 4.64
CA LEU B 363 8.68 -4.13 4.84
C LEU B 363 9.02 -2.95 3.96
N PRO B 364 9.58 -1.89 4.55
CA PRO B 364 10.07 -0.79 3.74
C PRO B 364 11.45 -1.12 3.16
N GLU B 365 11.91 -0.26 2.25
CA GLU B 365 13.22 -0.42 1.67
C GLU B 365 14.19 0.34 2.52
N THR B 366 14.92 -0.39 3.35
CA THR B 366 15.84 0.17 4.33
C THR B 366 17.04 -0.75 4.61
N THR B 367 17.96 -0.30 5.46
CA THR B 367 19.10 -1.05 5.92
C THR B 367 19.00 -1.22 7.45
N ALA B 368 19.78 -2.15 8.01
CA ALA B 368 19.80 -2.41 9.45
C ALA B 368 21.12 -3.04 9.83
N ASP B 369 21.53 -2.91 11.09
CA ASP B 369 22.74 -3.58 11.56
C ASP B 369 22.42 -5.10 11.75
N ILE B 370 21.16 -5.42 12.16
CA ILE B 370 20.66 -6.78 12.31
C ILE B 370 19.20 -6.86 11.83
N VAL B 371 18.89 -7.92 11.09
CA VAL B 371 17.52 -8.23 10.75
C VAL B 371 17.21 -9.51 11.52
N VAL B 372 16.12 -9.53 12.29
CA VAL B 372 15.69 -10.72 13.01
C VAL B 372 14.41 -11.16 12.32
N PHE B 373 14.40 -12.36 11.72
CA PHE B 373 13.24 -12.92 11.04
C PHE B 373 12.78 -14.08 11.93
N ASP B 374 11.63 -13.92 12.57
CA ASP B 374 11.06 -14.89 13.49
C ASP B 374 9.97 -15.78 12.85
N GLU B 375 9.65 -16.90 13.51
CA GLU B 375 8.72 -17.95 13.11
C GLU B 375 9.07 -18.45 11.68
N ILE B 376 10.34 -18.86 11.49
CA ILE B 376 10.88 -19.25 10.18
C ILE B 376 10.26 -20.52 9.58
N SER B 377 9.70 -21.45 10.38
CA SER B 377 9.01 -22.62 9.79
C SER B 377 7.81 -22.15 8.95
N MET B 378 7.18 -21.00 9.30
CA MET B 378 6.02 -20.43 8.61
C MET B 378 6.37 -19.64 7.35
N ALA B 379 7.66 -19.33 7.13
CA ALA B 379 8.05 -18.58 5.96
C ALA B 379 8.10 -19.52 4.75
N THR B 380 7.87 -18.94 3.59
CA THR B 380 8.06 -19.60 2.32
C THR B 380 9.33 -18.96 1.70
N ASN B 381 9.82 -19.55 0.59
CA ASN B 381 10.93 -18.97 -0.12
C ASN B 381 10.60 -17.62 -0.71
N TYR B 382 9.31 -17.39 -1.06
CA TYR B 382 8.83 -16.11 -1.54
C TYR B 382 9.10 -15.03 -0.49
N ASP B 383 8.76 -15.33 0.79
CA ASP B 383 9.02 -14.46 1.93
C ASP B 383 10.52 -14.24 2.15
N LEU B 384 11.34 -15.32 2.07
CA LEU B 384 12.80 -15.25 2.26
C LEU B 384 13.42 -14.27 1.26
N SER B 385 12.97 -14.34 0.01
CA SER B 385 13.45 -13.50 -1.08
C SER B 385 13.05 -12.03 -0.88
N VAL B 386 11.77 -11.78 -0.50
CA VAL B 386 11.26 -10.43 -0.26
C VAL B 386 12.08 -9.74 0.84
N VAL B 387 12.38 -10.47 1.92
CA VAL B 387 13.20 -9.90 2.99
C VAL B 387 14.59 -9.47 2.48
N ASN B 388 15.25 -10.32 1.67
CA ASN B 388 16.57 -9.95 1.15
C ASN B 388 16.49 -8.78 0.16
N ALA B 389 15.32 -8.57 -0.48
CA ALA B 389 15.10 -7.50 -1.45
C ALA B 389 14.80 -6.14 -0.79
N ARG B 390 14.03 -6.16 0.31
CA ARG B 390 13.67 -4.94 1.00
C ARG B 390 14.74 -4.46 1.96
N LEU B 391 15.48 -5.41 2.63
CA LEU B 391 16.44 -5.11 3.70
C LEU B 391 17.92 -5.47 3.43
N ARG B 392 18.81 -4.48 3.48
CA ARG B 392 20.25 -4.73 3.35
C ARG B 392 20.84 -4.65 4.77
N ALA B 393 21.26 -5.78 5.33
CA ALA B 393 21.73 -5.82 6.71
C ALA B 393 23.15 -6.34 6.91
N LYS B 394 23.82 -5.94 8.00
CA LYS B 394 25.13 -6.47 8.31
C LYS B 394 24.96 -7.94 8.74
N HIS B 395 23.87 -8.26 9.47
CA HIS B 395 23.60 -9.60 9.97
C HIS B 395 22.14 -9.93 9.88
N TYR B 396 21.85 -11.20 9.63
CA TYR B 396 20.49 -11.69 9.52
C TYR B 396 20.36 -12.87 10.46
N VAL B 397 19.32 -12.87 11.31
CA VAL B 397 19.09 -13.96 12.24
C VAL B 397 17.74 -14.57 11.96
N TYR B 398 17.72 -15.87 11.67
CA TYR B 398 16.52 -16.60 11.36
C TYR B 398 16.14 -17.43 12.55
N ILE B 399 15.03 -17.10 13.17
CA ILE B 399 14.52 -17.78 14.35
C ILE B 399 13.23 -18.56 14.09
N GLY B 400 13.23 -19.80 14.54
CA GLY B 400 12.06 -20.64 14.41
C GLY B 400 12.39 -22.06 14.82
N ASP B 401 11.63 -22.98 14.30
CA ASP B 401 11.80 -24.39 14.63
C ASP B 401 11.30 -25.26 13.49
N PRO B 402 12.22 -25.97 12.76
CA PRO B 402 11.76 -26.84 11.65
C PRO B 402 10.91 -28.01 12.14
N ALA B 403 10.83 -28.24 13.47
CA ALA B 403 9.99 -29.27 14.09
C ALA B 403 8.58 -28.74 14.38
N GLN B 404 8.25 -27.49 13.96
CA GLN B 404 6.90 -26.96 14.13
C GLN B 404 6.23 -26.82 12.76
N LEU B 405 5.01 -26.32 12.72
CA LEU B 405 4.22 -26.24 11.51
C LEU B 405 4.72 -25.22 10.47
N PRO B 406 4.64 -25.64 9.18
CA PRO B 406 4.99 -24.71 8.10
C PRO B 406 3.75 -23.92 7.66
N ALA B 407 3.92 -23.01 6.69
CA ALA B 407 2.80 -22.27 6.12
C ALA B 407 1.93 -23.26 5.37
N PRO B 408 0.61 -23.12 5.44
CA PRO B 408 -0.26 -24.06 4.72
C PRO B 408 0.01 -24.01 3.21
N ARG B 409 0.08 -25.17 2.57
CA ARG B 409 0.27 -25.23 1.14
C ARG B 409 -1.08 -25.68 0.63
N THR B 410 -1.97 -24.72 0.38
CA THR B 410 -3.35 -24.99 -0.04
C THR B 410 -3.50 -25.88 -1.27
N LEU B 411 -2.50 -25.89 -2.18
CA LEU B 411 -2.61 -26.71 -3.39
C LEU B 411 -2.12 -28.15 -3.18
N LEU B 412 -1.22 -28.37 -2.21
CA LEU B 412 -0.63 -29.67 -1.97
C LEU B 412 -1.62 -30.68 -1.40
N THR B 413 -1.88 -31.76 -2.14
CA THR B 413 -2.79 -32.81 -1.67
C THR B 413 -2.15 -34.21 -1.68
N LYS B 414 -1.06 -34.39 -2.41
CA LYS B 414 -0.42 -35.69 -2.54
C LYS B 414 1.01 -35.67 -2.03
N GLY B 415 1.23 -36.37 -0.92
CA GLY B 415 2.55 -36.45 -0.32
C GLY B 415 2.65 -35.59 0.90
N THR B 416 3.63 -35.89 1.74
CA THR B 416 3.88 -35.12 2.95
C THR B 416 5.12 -34.27 2.70
N LEU B 417 5.03 -32.97 3.03
CA LEU B 417 6.15 -32.03 2.91
C LEU B 417 7.07 -32.10 4.12
N GLU B 418 8.29 -32.63 3.97
CA GLU B 418 9.24 -32.72 5.07
C GLU B 418 9.83 -31.34 5.46
N PRO B 419 10.20 -31.17 6.77
CA PRO B 419 10.80 -29.90 7.24
C PRO B 419 11.96 -29.32 6.42
N GLU B 420 12.85 -30.18 5.85
CA GLU B 420 13.93 -29.71 5.00
C GLU B 420 13.46 -29.07 3.69
N TYR B 421 12.17 -29.12 3.40
CA TYR B 421 11.62 -28.53 2.19
C TYR B 421 10.66 -27.35 2.45
N PHE B 422 10.54 -26.89 3.74
CA PHE B 422 9.64 -25.77 4.10
C PHE B 422 10.13 -24.50 3.41
N ASN B 423 11.42 -24.24 3.50
CA ASN B 423 12.09 -23.10 2.88
C ASN B 423 13.64 -23.32 2.94
N SER B 424 14.46 -22.37 2.39
CA SER B 424 15.91 -22.50 2.39
C SER B 424 16.49 -22.51 3.80
N VAL B 425 15.88 -21.75 4.72
CA VAL B 425 16.39 -21.72 6.10
C VAL B 425 16.19 -23.09 6.75
N CYS B 426 14.97 -23.62 6.65
CA CYS B 426 14.66 -24.93 7.21
C CYS B 426 15.46 -26.02 6.56
N ARG B 427 15.72 -25.91 5.25
CA ARG B 427 16.59 -26.85 4.54
C ARG B 427 17.99 -26.85 5.19
N LEU B 428 18.59 -25.66 5.40
CA LEU B 428 19.88 -25.56 6.09
C LEU B 428 19.82 -26.14 7.50
N MET B 429 18.79 -25.79 8.31
CA MET B 429 18.66 -26.31 9.68
C MET B 429 18.56 -27.85 9.72
N LYS B 430 17.95 -28.46 8.71
CA LYS B 430 17.79 -29.92 8.68
C LYS B 430 19.00 -30.66 8.07
N THR B 431 19.78 -29.97 7.22
CA THR B 431 20.92 -30.60 6.55
C THR B 431 22.26 -30.38 7.31
N ILE B 432 22.74 -29.14 7.43
CA ILE B 432 23.97 -28.85 8.16
C ILE B 432 23.74 -28.57 9.67
N GLY B 433 22.47 -28.52 10.11
CA GLY B 433 22.13 -28.19 11.50
C GLY B 433 21.97 -26.70 11.71
N PRO B 434 21.24 -26.28 12.76
CA PRO B 434 21.13 -24.85 13.04
C PRO B 434 22.42 -24.33 13.68
N ASP B 435 22.71 -23.05 13.46
CA ASP B 435 23.90 -22.44 14.08
C ASP B 435 23.74 -22.42 15.62
N MET B 436 22.52 -22.10 16.07
CA MET B 436 22.25 -21.97 17.47
C MET B 436 21.02 -22.78 17.85
N PHE B 437 21.04 -23.32 19.07
CA PHE B 437 19.94 -24.14 19.57
C PHE B 437 19.59 -23.78 21.05
N LEU B 438 18.31 -23.41 21.31
CA LEU B 438 17.83 -23.15 22.67
C LEU B 438 17.41 -24.50 23.23
N GLY B 439 18.27 -25.06 24.07
CA GLY B 439 18.10 -26.41 24.57
C GLY B 439 17.33 -26.62 25.85
N THR B 440 16.79 -25.57 26.49
CA THR B 440 16.01 -25.78 27.71
C THR B 440 14.55 -25.32 27.56
N CYS B 441 13.62 -26.26 27.66
CA CYS B 441 12.20 -25.95 27.56
C CYS B 441 11.79 -25.53 28.93
N ARG B 442 11.34 -24.27 29.09
CA ARG B 442 10.89 -23.76 30.39
C ARG B 442 9.37 -23.91 30.59
N ARG B 443 8.61 -24.27 29.56
CA ARG B 443 7.17 -24.34 29.65
C ARG B 443 6.58 -25.66 30.17
N CYS B 444 6.97 -26.76 29.56
CA CYS B 444 6.28 -28.02 29.68
C CYS B 444 6.74 -28.91 30.82
N PRO B 445 5.77 -29.70 31.38
CA PRO B 445 6.16 -30.74 32.34
C PRO B 445 7.14 -31.73 31.67
N ALA B 446 8.07 -32.32 32.43
CA ALA B 446 9.10 -33.20 31.85
C ALA B 446 8.56 -34.33 30.96
N GLU B 447 7.39 -34.96 31.25
CA GLU B 447 6.81 -36.02 30.41
C GLU B 447 6.66 -35.56 28.96
N ILE B 448 6.19 -34.32 28.72
CA ILE B 448 6.04 -33.72 27.41
C ILE B 448 7.41 -33.42 26.84
N VAL B 449 8.29 -32.75 27.61
CA VAL B 449 9.64 -32.43 27.11
C VAL B 449 10.40 -33.70 26.63
N ASP B 450 10.37 -34.78 27.44
CA ASP B 450 11.04 -36.04 27.12
C ASP B 450 10.47 -36.69 25.86
N THR B 451 9.13 -36.61 25.67
CA THR B 451 8.49 -37.17 24.48
C THR B 451 8.93 -36.45 23.20
N VAL B 452 8.83 -35.10 23.14
CA VAL B 452 9.16 -34.35 21.95
C VAL B 452 10.68 -34.30 21.75
N SER B 453 11.49 -34.32 22.84
CA SER B 453 12.93 -34.39 22.74
C SER B 453 13.35 -35.65 21.91
N ALA B 454 12.77 -36.81 22.21
CA ALA B 454 13.05 -38.05 21.47
C ALA B 454 12.39 -38.07 20.09
N LEU B 455 11.18 -37.52 20.00
CA LEU B 455 10.42 -37.49 18.76
C LEU B 455 11.02 -36.64 17.68
N VAL B 456 11.36 -35.36 17.95
CA VAL B 456 11.83 -34.48 16.89
C VAL B 456 13.15 -33.70 17.19
N TYR B 457 13.72 -33.80 18.42
CA TYR B 457 14.90 -33.01 18.77
C TYR B 457 16.15 -33.80 18.99
N ASP B 458 16.20 -35.05 18.52
CA ASP B 458 17.39 -35.91 18.64
C ASP B 458 17.92 -36.01 20.10
N ASN B 459 17.02 -35.98 21.08
CA ASN B 459 17.27 -36.06 22.51
C ASN B 459 18.11 -34.92 23.06
N LYS B 460 18.08 -33.76 22.40
CA LYS B 460 18.83 -32.58 22.85
C LYS B 460 17.98 -31.56 23.63
N LEU B 461 16.65 -31.74 23.66
CA LEU B 461 15.79 -30.81 24.39
C LEU B 461 15.74 -31.27 25.84
N LYS B 462 16.05 -30.37 26.77
CA LYS B 462 16.08 -30.67 28.19
C LYS B 462 14.90 -30.00 28.94
N ALA B 463 14.40 -30.66 30.00
CA ALA B 463 13.27 -30.12 30.74
C ALA B 463 13.74 -29.26 31.88
N HIS B 464 13.14 -28.09 32.05
CA HIS B 464 13.41 -27.24 33.18
C HIS B 464 12.49 -27.71 34.32
N LYS B 465 11.19 -27.85 34.06
CA LYS B 465 10.23 -28.32 35.05
C LYS B 465 10.41 -29.80 35.33
N ASP B 466 9.95 -30.24 36.49
CA ASP B 466 9.92 -31.65 36.83
C ASP B 466 8.71 -32.30 36.09
N LYS B 467 8.54 -33.63 36.23
CA LYS B 467 7.37 -34.32 35.72
C LYS B 467 6.17 -33.79 36.55
N SER B 468 5.08 -33.41 35.88
CA SER B 468 3.91 -32.91 36.58
C SER B 468 3.01 -34.02 37.15
N ALA B 469 3.13 -35.27 36.63
CA ALA B 469 2.26 -36.42 36.98
C ALA B 469 0.79 -36.14 36.59
N GLN B 470 0.58 -35.21 35.65
CA GLN B 470 -0.71 -34.77 35.12
C GLN B 470 -0.72 -34.87 33.59
N CYS B 471 0.06 -35.81 33.00
CA CYS B 471 0.12 -36.04 31.56
C CYS B 471 -0.40 -37.45 31.32
N PHE B 472 -1.56 -37.54 30.69
CA PHE B 472 -2.23 -38.80 30.46
C PHE B 472 -2.46 -39.10 29.02
N LYS B 473 -2.54 -40.39 28.71
CA LYS B 473 -2.82 -40.85 27.37
C LYS B 473 -3.87 -41.98 27.39
N MET B 474 -4.75 -41.98 26.39
N MET B 474 -4.77 -41.98 26.39
CA MET B 474 -5.73 -43.05 26.24
CA MET B 474 -5.78 -43.01 26.24
C MET B 474 -5.72 -43.46 24.80
C MET B 474 -5.78 -43.45 24.80
N PHE B 475 -5.85 -44.75 24.57
CA PHE B 475 -5.90 -45.27 23.24
C PHE B 475 -7.41 -45.56 22.96
N TYR B 476 -8.03 -44.75 22.09
CA TYR B 476 -9.46 -44.90 21.79
C TYR B 476 -9.79 -44.48 20.36
N LYS B 477 -10.01 -45.45 19.45
CA LYS B 477 -10.26 -45.10 18.05
C LYS B 477 -11.62 -44.43 17.79
N GLY B 478 -12.63 -44.78 18.59
CA GLY B 478 -13.96 -44.19 18.50
C GLY B 478 -14.63 -44.42 17.17
N VAL B 479 -15.30 -43.39 16.63
CA VAL B 479 -16.01 -43.44 15.37
C VAL B 479 -15.69 -42.18 14.61
N ILE B 480 -15.21 -42.30 13.36
CA ILE B 480 -14.89 -41.15 12.56
C ILE B 480 -16.00 -40.82 11.58
N THR B 481 -16.51 -39.62 11.68
CA THR B 481 -17.49 -39.11 10.72
C THR B 481 -16.80 -37.98 9.95
N HIS B 482 -17.18 -37.82 8.68
CA HIS B 482 -16.58 -36.83 7.81
C HIS B 482 -17.68 -35.92 7.33
N ASP B 483 -17.35 -34.65 7.22
CA ASP B 483 -18.25 -33.69 6.60
C ASP B 483 -17.51 -33.13 5.33
N VAL B 484 -18.01 -32.04 4.74
CA VAL B 484 -17.47 -31.42 3.50
C VAL B 484 -15.92 -31.48 3.37
N SER B 485 -15.17 -31.09 4.42
CA SER B 485 -13.71 -31.06 4.36
C SER B 485 -13.04 -31.15 5.78
N SER B 486 -13.65 -31.94 6.68
CA SER B 486 -13.11 -32.07 8.04
C SER B 486 -13.56 -33.44 8.66
N ALA B 487 -12.98 -33.80 9.82
CA ALA B 487 -13.36 -35.02 10.54
C ALA B 487 -13.89 -34.71 11.96
N ILE B 488 -14.76 -35.59 12.42
CA ILE B 488 -15.36 -35.50 13.74
C ILE B 488 -15.24 -36.91 14.38
N ASN B 489 -14.93 -36.98 15.67
CA ASN B 489 -14.89 -38.23 16.39
C ASN B 489 -15.70 -37.98 17.68
N ARG B 490 -17.05 -38.12 17.60
CA ARG B 490 -17.95 -37.92 18.74
C ARG B 490 -17.61 -38.84 19.93
N PRO B 491 -17.30 -40.15 19.76
CA PRO B 491 -16.91 -40.97 20.92
C PRO B 491 -15.63 -40.49 21.63
N GLN B 492 -14.62 -39.93 20.93
CA GLN B 492 -13.44 -39.36 21.63
C GLN B 492 -13.85 -38.14 22.47
N ILE B 493 -14.85 -37.38 22.01
CA ILE B 493 -15.40 -36.26 22.78
C ILE B 493 -16.18 -36.78 23.99
N GLY B 494 -16.91 -37.89 23.83
CA GLY B 494 -17.63 -38.56 24.90
C GLY B 494 -16.69 -39.09 25.97
N VAL B 495 -15.53 -39.62 25.56
CA VAL B 495 -14.52 -40.08 26.50
C VAL B 495 -14.01 -38.87 27.34
N VAL B 496 -13.81 -37.68 26.68
CA VAL B 496 -13.35 -36.46 27.34
C VAL B 496 -14.39 -35.99 28.33
N ARG B 497 -15.66 -35.98 27.93
CA ARG B 497 -16.82 -35.60 28.74
C ARG B 497 -16.87 -36.45 30.03
N GLU B 498 -16.63 -37.78 29.94
CA GLU B 498 -16.58 -38.70 31.08
C GLU B 498 -15.35 -38.43 31.98
N PHE B 499 -14.19 -38.11 31.37
CA PHE B 499 -13.00 -37.74 32.10
C PHE B 499 -13.27 -36.44 32.91
N LEU B 500 -13.92 -35.44 32.29
CA LEU B 500 -14.21 -34.15 32.91
C LEU B 500 -15.14 -34.26 34.14
N THR B 501 -16.15 -35.16 34.13
CA THR B 501 -17.03 -35.34 35.28
C THR B 501 -16.25 -35.91 36.47
N ARG B 502 -15.27 -36.78 36.19
CA ARG B 502 -14.46 -37.34 37.23
C ARG B 502 -13.20 -36.51 37.57
N ASN B 503 -12.83 -35.46 36.78
CA ASN B 503 -11.64 -34.57 36.91
C ASN B 503 -12.04 -33.11 36.68
N PRO B 504 -12.95 -32.57 37.52
CA PRO B 504 -13.44 -31.20 37.30
C PRO B 504 -12.40 -30.11 37.27
N ALA B 505 -11.21 -30.31 37.85
CA ALA B 505 -10.12 -29.32 37.74
C ALA B 505 -9.74 -29.11 36.25
N TRP B 506 -9.89 -30.14 35.42
CA TRP B 506 -9.60 -30.06 34.00
C TRP B 506 -10.65 -29.25 33.20
N ARG B 507 -11.72 -28.76 33.83
CA ARG B 507 -12.68 -27.89 33.15
C ARG B 507 -12.03 -26.55 32.74
N LYS B 508 -10.88 -26.20 33.31
CA LYS B 508 -10.11 -25.03 32.92
C LYS B 508 -9.21 -25.33 31.65
N ALA B 509 -9.29 -26.53 31.06
CA ALA B 509 -8.48 -26.90 29.90
C ALA B 509 -8.91 -26.25 28.59
N VAL B 510 -7.93 -26.14 27.67
CA VAL B 510 -8.17 -25.78 26.29
C VAL B 510 -8.25 -27.08 25.54
N PHE B 511 -9.27 -27.24 24.69
CA PHE B 511 -9.49 -28.41 23.84
C PHE B 511 -8.76 -28.18 22.49
N ILE B 512 -7.94 -29.15 22.10
CA ILE B 512 -7.19 -29.09 20.86
C ILE B 512 -7.40 -30.37 20.05
N SER B 513 -7.50 -30.21 18.74
CA SER B 513 -7.63 -31.31 17.80
C SER B 513 -7.08 -30.87 16.44
N PRO B 514 -6.77 -31.81 15.54
CA PRO B 514 -6.30 -31.42 14.20
C PRO B 514 -7.42 -30.94 13.27
N TYR B 515 -8.70 -30.91 13.71
CA TYR B 515 -9.84 -30.57 12.83
C TYR B 515 -10.79 -29.55 13.40
N ASN B 516 -11.18 -28.56 12.60
CA ASN B 516 -12.12 -27.54 13.09
C ASN B 516 -13.52 -28.10 13.38
N SER B 517 -14.01 -29.09 12.60
CA SER B 517 -15.32 -29.67 12.86
C SER B 517 -15.33 -30.47 14.13
N GLN B 518 -14.24 -31.14 14.48
CA GLN B 518 -14.13 -31.83 15.76
C GLN B 518 -14.21 -30.79 16.91
N ASN B 519 -13.52 -29.64 16.74
CA ASN B 519 -13.47 -28.54 17.70
C ASN B 519 -14.84 -27.90 17.87
N ALA B 520 -15.60 -27.75 16.77
CA ALA B 520 -16.93 -27.16 16.83
C ALA B 520 -17.86 -28.07 17.68
N VAL B 521 -17.73 -29.40 17.50
CA VAL B 521 -18.54 -30.35 18.26
C VAL B 521 -18.13 -30.35 19.76
N ALA B 522 -16.80 -30.40 20.04
CA ALA B 522 -16.33 -30.37 21.41
C ALA B 522 -16.72 -29.07 22.12
N SER B 523 -16.79 -27.95 21.38
CA SER B 523 -17.15 -26.66 21.97
C SER B 523 -18.58 -26.71 22.55
N LYS B 524 -19.52 -27.28 21.77
CA LYS B 524 -20.90 -27.37 22.21
C LYS B 524 -21.09 -28.46 23.31
N ILE B 525 -20.42 -29.61 23.19
CA ILE B 525 -20.59 -30.69 24.16
C ILE B 525 -19.80 -30.48 25.48
N LEU B 526 -18.59 -29.95 25.40
CA LEU B 526 -17.72 -29.78 26.59
C LEU B 526 -17.74 -28.38 27.13
N GLY B 527 -17.93 -27.39 26.28
CA GLY B 527 -17.90 -26.01 26.73
C GLY B 527 -16.51 -25.45 26.90
N LEU B 528 -15.45 -26.24 26.64
CA LEU B 528 -14.08 -25.75 26.74
C LEU B 528 -13.76 -24.83 25.57
N PRO B 529 -12.85 -23.86 25.74
CA PRO B 529 -12.38 -23.10 24.56
C PRO B 529 -11.57 -24.09 23.67
N THR B 530 -11.67 -23.93 22.36
CA THR B 530 -11.01 -24.82 21.41
C THR B 530 -10.01 -24.09 20.49
N GLN B 531 -9.02 -24.84 20.03
CA GLN B 531 -7.99 -24.42 19.07
C GLN B 531 -7.64 -25.60 18.20
N THR B 532 -7.39 -25.35 16.89
CA THR B 532 -6.83 -26.40 16.06
C THR B 532 -5.34 -26.47 16.46
N VAL B 533 -4.64 -27.55 16.11
CA VAL B 533 -3.20 -27.60 16.42
C VAL B 533 -2.45 -26.42 15.76
N ASP B 534 -2.83 -26.13 14.51
CA ASP B 534 -2.25 -25.09 13.68
C ASP B 534 -2.47 -23.68 14.28
N SER B 535 -3.67 -23.39 14.82
CA SER B 535 -3.89 -22.07 15.42
C SER B 535 -3.34 -21.97 16.87
N SER B 536 -3.02 -23.10 17.52
CA SER B 536 -2.48 -23.08 18.87
C SER B 536 -0.97 -22.74 18.89
N GLN B 537 -0.25 -22.96 17.78
CA GLN B 537 1.19 -22.70 17.63
C GLN B 537 1.55 -21.29 18.08
N GLY B 538 2.47 -21.21 19.04
CA GLY B 538 2.87 -19.95 19.63
C GLY B 538 2.20 -19.68 20.97
N SER B 539 1.04 -20.32 21.25
CA SER B 539 0.28 -20.16 22.51
C SER B 539 0.58 -21.25 23.55
N GLU B 540 0.27 -20.97 24.83
CA GLU B 540 0.45 -21.95 25.89
C GLU B 540 -0.72 -21.89 26.86
N TYR B 541 -1.05 -23.02 27.44
CA TYR B 541 -2.18 -23.16 28.36
C TYR B 541 -1.76 -24.09 29.49
N ASP B 542 -2.33 -23.90 30.70
CA ASP B 542 -2.02 -24.77 31.85
C ASP B 542 -2.41 -26.22 31.54
N TYR B 543 -3.63 -26.43 31.04
CA TYR B 543 -4.09 -27.77 30.73
C TYR B 543 -4.58 -27.86 29.35
N VAL B 544 -4.27 -28.96 28.68
CA VAL B 544 -4.67 -29.19 27.30
C VAL B 544 -5.37 -30.53 27.22
N ILE B 545 -6.47 -30.59 26.47
CA ILE B 545 -7.11 -31.86 26.19
C ILE B 545 -7.04 -32.01 24.68
N PHE B 546 -6.35 -33.04 24.21
CA PHE B 546 -6.16 -33.28 22.78
C PHE B 546 -6.87 -34.54 22.35
N THR B 547 -7.74 -34.46 21.33
CA THR B 547 -8.31 -35.68 20.72
C THR B 547 -7.70 -35.77 19.31
N GLN B 548 -6.94 -36.84 19.00
CA GLN B 548 -6.35 -36.99 17.67
C GLN B 548 -7.37 -37.03 16.54
N THR B 549 -8.62 -37.46 16.84
CA THR B 549 -9.78 -37.55 15.92
C THR B 549 -9.67 -38.72 14.91
N THR B 550 -8.59 -38.74 14.11
CA THR B 550 -8.36 -39.75 13.07
C THR B 550 -6.90 -40.26 13.15
N GLU B 551 -6.54 -41.30 12.35
CA GLU B 551 -5.15 -41.69 12.21
C GLU B 551 -4.66 -41.43 10.82
N THR B 552 -4.94 -40.26 10.29
CA THR B 552 -4.51 -39.88 8.93
C THR B 552 -3.04 -39.34 8.92
N ALA B 553 -2.48 -39.03 7.73
CA ALA B 553 -1.18 -38.39 7.60
C ALA B 553 -1.22 -36.99 8.30
N HIS B 554 -2.37 -36.29 8.24
CA HIS B 554 -2.61 -34.98 8.86
C HIS B 554 -2.56 -35.06 10.39
N SER B 555 -3.37 -35.93 10.98
CA SER B 555 -3.41 -36.04 12.42
C SER B 555 -2.19 -36.78 12.99
N CYS B 556 -1.40 -37.49 12.13
CA CYS B 556 -0.19 -38.16 12.59
C CYS B 556 1.08 -37.41 12.27
N ASN B 557 0.99 -36.22 11.67
CA ASN B 557 2.19 -35.46 11.32
C ASN B 557 3.03 -35.18 12.57
N VAL B 558 4.35 -35.53 12.57
CA VAL B 558 5.12 -35.40 13.79
C VAL B 558 5.25 -33.93 14.20
N ASN B 559 5.31 -33.00 13.23
CA ASN B 559 5.41 -31.58 13.58
C ASN B 559 4.14 -31.07 14.26
N ARG B 560 2.98 -31.48 13.75
CA ARG B 560 1.69 -31.11 14.30
C ARG B 560 1.53 -31.75 15.68
N PHE B 561 1.93 -33.01 15.83
CA PHE B 561 1.88 -33.69 17.11
C PHE B 561 2.71 -33.00 18.18
N ASN B 562 3.94 -32.59 17.78
CA ASN B 562 4.91 -31.85 18.56
C ASN B 562 4.26 -30.53 19.05
N VAL B 563 3.66 -29.73 18.13
CA VAL B 563 2.99 -28.50 18.52
C VAL B 563 1.80 -28.77 19.46
N ALA B 564 0.99 -29.77 19.16
CA ALA B 564 -0.18 -30.06 19.98
C ALA B 564 0.15 -30.30 21.47
N ILE B 565 1.11 -31.19 21.76
CA ILE B 565 1.40 -31.56 23.13
C ILE B 565 2.33 -30.56 23.84
N THR B 566 3.10 -29.72 23.10
CA THR B 566 3.94 -28.71 23.76
C THR B 566 3.15 -27.40 24.10
N ARG B 567 1.80 -27.38 23.94
CA ARG B 567 1.02 -26.19 24.34
C ARG B 567 0.83 -26.14 25.90
N ALA B 568 0.95 -27.30 26.57
CA ALA B 568 0.67 -27.51 27.97
C ALA B 568 1.80 -27.09 28.96
N LYS B 569 1.44 -26.27 29.93
CA LYS B 569 2.34 -25.86 30.99
C LYS B 569 2.26 -26.82 32.18
N VAL B 570 1.10 -27.44 32.43
CA VAL B 570 0.92 -28.28 33.61
C VAL B 570 0.49 -29.74 33.29
N GLY B 571 -0.66 -29.91 32.62
CA GLY B 571 -1.16 -31.23 32.33
C GLY B 571 -1.74 -31.32 30.94
N ILE B 572 -1.82 -32.54 30.44
CA ILE B 572 -2.35 -32.82 29.14
C ILE B 572 -3.02 -34.20 29.17
N LEU B 573 -4.14 -34.29 28.46
CA LEU B 573 -4.83 -35.56 28.27
C LEU B 573 -4.83 -35.77 26.75
N CYS B 574 -4.24 -36.88 26.25
CA CYS B 574 -4.25 -37.16 24.82
C CYS B 574 -5.10 -38.36 24.56
N ILE B 575 -6.22 -38.23 23.79
CA ILE B 575 -7.07 -39.36 23.38
C ILE B 575 -6.55 -39.64 21.98
N MET B 576 -5.85 -40.77 21.80
CA MET B 576 -5.13 -41.13 20.60
C MET B 576 -5.82 -42.16 19.73
N SER B 577 -5.66 -42.00 18.45
CA SER B 577 -6.16 -42.91 17.42
C SER B 577 -5.02 -43.79 16.91
N ASP B 578 -3.81 -43.21 16.79
CA ASP B 578 -2.63 -43.84 16.23
C ASP B 578 -1.84 -44.60 17.28
N ARG B 579 -1.60 -45.90 17.10
CA ARG B 579 -0.83 -46.71 18.06
C ARG B 579 0.61 -46.23 18.17
N ASP B 580 1.20 -45.82 17.05
CA ASP B 580 2.57 -45.32 16.96
C ASP B 580 2.80 -44.11 17.89
N LEU B 581 2.11 -42.98 17.65
CA LEU B 581 2.24 -41.80 18.50
C LEU B 581 1.77 -42.05 19.92
N TYR B 582 0.76 -42.94 20.10
CA TYR B 582 0.30 -43.29 21.44
C TYR B 582 1.47 -43.92 22.23
N ASP B 583 2.18 -44.88 21.60
CA ASP B 583 3.31 -45.59 22.23
C ASP B 583 4.48 -44.67 22.49
N LYS B 584 4.66 -43.63 21.64
CA LYS B 584 5.71 -42.63 21.81
C LYS B 584 5.46 -41.69 22.99
N LEU B 585 4.18 -41.44 23.36
CA LEU B 585 3.87 -40.56 24.49
C LEU B 585 4.34 -41.16 25.83
N GLN B 586 5.23 -40.45 26.53
CA GLN B 586 5.74 -40.89 27.84
C GLN B 586 4.82 -40.36 28.92
N PHE B 587 3.56 -40.80 28.85
CA PHE B 587 2.48 -40.38 29.71
C PHE B 587 1.90 -41.57 30.42
N THR B 588 1.22 -41.31 31.54
CA THR B 588 0.52 -42.31 32.31
C THR B 588 -0.69 -42.72 31.49
N SER B 589 -0.83 -44.01 31.16
CA SER B 589 -1.98 -44.47 30.40
C SER B 589 -3.20 -44.62 31.29
N LEU B 590 -4.37 -44.24 30.78
CA LEU B 590 -5.64 -44.33 31.48
C LEU B 590 -6.49 -45.43 30.85
N GLU B 591 -7.24 -46.20 31.68
CA GLU B 591 -8.12 -47.21 31.13
C GLU B 591 -9.37 -46.49 30.55
N ILE B 592 -10.05 -47.13 29.57
CA ILE B 592 -11.24 -46.58 28.91
C ILE B 592 -12.50 -47.01 29.63
N PRO B 593 -13.30 -46.04 30.13
CA PRO B 593 -14.57 -46.41 30.81
C PRO B 593 -15.67 -46.94 29.88
C4 S9S C . 15.10 18.03 2.39
C5 S9S C . 16.27 17.82 1.69
C6 S9S C . 16.64 16.53 1.42
C7 S9S C . 15.87 15.45 1.77
C8 S9S C . 14.69 15.69 2.44
N S9S C . 11.95 17.28 5.71
C S9S C . 12.54 16.63 8.31
O S9S C . 10.63 18.22 7.56
C1 S9S C . 13.22 17.11 4.99
C2 S9S C . 13.00 17.22 3.51
C3 S9S C . 14.28 16.98 2.74
F S9S C . 17.82 16.30 0.79
O1 S9S C . 12.97 18.92 7.20
S S9S C . 11.98 17.89 7.20
ZN ZN D . 20.08 25.46 35.31
ZN ZN E . 12.89 25.54 14.54
ZN ZN F . 23.58 23.57 7.56
P PO4 G . -8.24 18.40 -23.29
O1 PO4 G . -9.37 19.18 -22.46
O2 PO4 G . -7.02 19.32 -23.44
O3 PO4 G . -8.78 18.01 -24.74
O4 PO4 G . -7.83 17.05 -22.53
P PO4 H . -9.64 21.06 -19.14
O1 PO4 H . -10.86 21.61 -20.01
O2 PO4 H . -8.41 21.78 -19.64
O3 PO4 H . -9.85 21.37 -17.57
O4 PO4 H . -9.46 19.48 -19.32
C4 S9S I . 11.66 -17.17 28.56
C5 S9S I . 12.99 -16.84 28.75
C6 S9S I . 13.93 -17.82 28.60
C7 S9S I . 13.59 -19.10 28.30
C8 S9S I . 12.25 -19.42 28.13
N S9S I . 9.70 -17.46 26.04
C S9S I . 7.96 -15.61 25.08
O S9S I . 10.42 -15.90 24.27
C1 S9S I . 9.03 -17.78 27.30
C2 S9S I . 9.81 -18.83 28.06
C3 S9S I . 11.27 -18.47 28.24
F S9S I . 15.25 -17.53 28.80
O1 S9S I . 10.01 -15.09 26.58
S S9S I . 9.64 -15.94 25.48
ZN ZN J . 6.49 -21.62 -20.49
ZN ZN K . 18.90 -18.56 -21.37
ZN ZN L . -1.92 -17.59 -40.17
P PO4 M . 9.06 -19.31 23.16
O1 PO4 M . 8.76 -17.85 22.57
O2 PO4 M . 7.99 -20.41 22.77
O3 PO4 M . 9.18 -19.27 24.68
O4 PO4 M . 10.48 -19.79 22.61
P PO4 N . 6.28 -22.10 20.40
O1 PO4 N . 6.08 -20.54 20.06
O2 PO4 N . 5.24 -22.86 19.56
O3 PO4 N . 6.06 -22.62 21.89
O4 PO4 N . 7.71 -22.51 19.85
#